data_7ZDQ
#
_entry.id   7ZDQ
#
_cell.length_a   1.00
_cell.length_b   1.00
_cell.length_c   1.00
_cell.angle_alpha   90.00
_cell.angle_beta   90.00
_cell.angle_gamma   90.00
#
_symmetry.space_group_name_H-M   'P 1'
#
loop_
_entity.id
_entity.type
_entity.pdbx_description
1 polymer 'Processed angiotensin-converting enzyme 2'
2 polymer 'Spike protein S1'
3 non-polymer 2-acetamido-2-deoxy-beta-D-glucopyranose
#
loop_
_entity_poly.entity_id
_entity_poly.type
_entity_poly.pdbx_seq_one_letter_code
_entity_poly.pdbx_strand_id
1 'polypeptide(L)'
;STIEEQAKTFLDKFNHEAEDLFYQSSLASWNYNTNITEENVQNMNNAGDKWSAFLKEQSTLAQMYPLQEIQNLTVKLQLQ
ALQQNGSSVLSEDKSKRLNTILNTMSTIYSTGKVCNPDNPQECLLLEPGLNEIMANSLDYNERLWAWESWRSEVGKQLRP
LYEEYVVLKNEMARANHYEDYGDYWRGDYEVNGVDGYDYSRGQLIEDVEHTFEEIKPLYEHLHAYVRAKLMNAYPSYISP
IGCLPAHLLGDMWGRFWTNLYSLTVPFGQKPNIDVTDAMVDQAWDAQRIFKEAEKFFVSVGLPNMTQGFWENSMLTDPGN
VQKAVCHPTAWDLGKGDFRILMCTKVTMDDFLTAHHEMGHIQYDMAYAAQPFLLRNGANEGFHEAVGEIMSLSAATPKHL
KSIGLLSPDFQEDNETEINFLLKQALTIVGTLPFTYMLEKWRWMVFKGEIPKDQWMKKWWEMKREIVGVVEPVPHDETYC
DPASLFHVSNDYSFIRYYTRTLYQFQFQEALCQAAKHEGPLHKCDISNSTEAGQKLFNMLRLGKSEPWTLALENVVGAKN
MNVRPLLNYFEPLFTWLKDQNKNSFVGWSTDWSPYADGNSGSMDYKDDDDKGSGHHHHHH
;
A
2 'polypeptide(L)'
;RVQPTESIVRFPNITNLCPFGEVFNATRFASVYAWNRKRISNCVADYSVLYNSASFSTFKCYGVSPTKLNDLCFTNVYAD
SFVIRGDEVRQIAPGQTGKIADYNYKLPDDFTGCVIAWNSNNLDSKVGGNYNYLYRLFRKSNLKPFERDISTEIYQAGNT
PCNGVEGFNCYFPLQSYGFHPTNGVGYQPYRVVVLSFELLHAPATVCGPKKSTNLVKNKCVNFGNSGSYPYDVPDYAGSG
HHHHHH
;
B
#
loop_
_chem_comp.id
_chem_comp.type
_chem_comp.name
_chem_comp.formula
NAG D-saccharide, beta linking 2-acetamido-2-deoxy-beta-D-glucopyranose 'C8 H15 N O6'
#
# COMPACT_ATOMS: atom_id res chain seq x y z
N SER A 1 -24.13 -27.20 10.27
CA SER A 1 -24.77 -26.28 11.21
C SER A 1 -23.82 -25.90 12.34
N THR A 2 -22.57 -26.34 12.24
CA THR A 2 -21.57 -26.01 13.24
C THR A 2 -21.12 -24.57 13.09
N ILE A 3 -20.38 -24.09 14.09
CA ILE A 3 -19.93 -22.70 14.10
C ILE A 3 -19.00 -22.43 12.93
N GLU A 4 -18.19 -23.41 12.56
CA GLU A 4 -17.28 -23.26 11.42
C GLU A 4 -18.06 -23.00 10.13
N GLU A 5 -19.09 -23.81 9.87
CA GLU A 5 -19.88 -23.61 8.65
C GLU A 5 -20.66 -22.32 8.70
N GLN A 6 -21.16 -21.93 9.87
CA GLN A 6 -21.87 -20.67 10.01
C GLN A 6 -20.95 -19.48 9.69
N ALA A 7 -19.73 -19.50 10.22
CA ALA A 7 -18.77 -18.44 9.93
C ALA A 7 -18.38 -18.44 8.46
N LYS A 8 -18.21 -19.62 7.87
CA LYS A 8 -17.89 -19.69 6.44
C LYS A 8 -19.00 -19.10 5.60
N THR A 9 -20.25 -19.41 5.93
CA THR A 9 -21.39 -18.85 5.20
C THR A 9 -21.47 -17.34 5.38
N PHE A 10 -21.23 -16.86 6.60
CA PHE A 10 -21.25 -15.42 6.85
C PHE A 10 -20.17 -14.71 6.03
N LEU A 11 -18.97 -15.28 5.98
CA LEU A 11 -17.91 -14.69 5.17
C LEU A 11 -18.21 -14.79 3.69
N ASP A 12 -18.87 -15.86 3.25
CA ASP A 12 -19.29 -15.98 1.86
C ASP A 12 -20.24 -14.84 1.50
N LYS A 13 -21.20 -14.56 2.37
CA LYS A 13 -22.11 -13.44 2.13
C LYS A 13 -21.36 -12.10 2.16
N PHE A 14 -20.45 -11.95 3.12
CA PHE A 14 -19.78 -10.67 3.31
C PHE A 14 -18.84 -10.34 2.16
N ASN A 15 -18.16 -11.34 1.61
CA ASN A 15 -17.25 -11.09 0.49
C ASN A 15 -18.01 -10.56 -0.72
N HIS A 16 -19.19 -11.13 -0.98
CA HIS A 16 -19.97 -10.69 -2.14
C HIS A 16 -20.63 -9.34 -1.88
N GLU A 17 -21.06 -9.09 -0.65
CA GLU A 17 -21.68 -7.79 -0.35
C GLU A 17 -20.65 -6.67 -0.31
N ALA A 18 -19.45 -6.95 0.19
CA ALA A 18 -18.42 -5.92 0.33
C ALA A 18 -18.01 -5.38 -1.03
N GLU A 19 -17.88 -6.26 -2.01
CA GLU A 19 -17.65 -5.82 -3.38
C GLU A 19 -18.85 -5.02 -3.88
N ASP A 20 -18.55 -4.00 -4.69
CA ASP A 20 -19.52 -3.08 -5.26
C ASP A 20 -20.07 -2.10 -4.23
N LEU A 21 -19.75 -2.30 -2.95
CA LEU A 21 -19.98 -1.26 -1.96
C LEU A 21 -18.68 -0.50 -1.74
N PHE A 22 -17.57 -1.19 -1.98
CA PHE A 22 -16.25 -0.58 -2.02
C PHE A 22 -15.91 -0.08 -3.41
N TYR A 23 -16.45 -0.73 -4.45
CA TYR A 23 -16.21 -0.28 -5.82
C TYR A 23 -16.89 1.05 -6.11
N GLN A 24 -18.12 1.24 -5.62
CA GLN A 24 -18.79 2.52 -5.81
C GLN A 24 -18.07 3.63 -5.08
N SER A 25 -17.61 3.37 -3.85
CA SER A 25 -16.84 4.37 -3.12
C SER A 25 -15.54 4.70 -3.84
N SER A 26 -14.86 3.67 -4.38
CA SER A 26 -13.64 3.90 -5.14
C SER A 26 -13.90 4.74 -6.37
N LEU A 27 -14.99 4.45 -7.09
CA LEU A 27 -15.33 5.22 -8.28
C LEU A 27 -15.64 6.67 -7.93
N ALA A 28 -16.40 6.89 -6.86
CA ALA A 28 -16.71 8.26 -6.45
C ALA A 28 -15.45 9.02 -6.06
N SER A 29 -14.55 8.37 -5.31
CA SER A 29 -13.30 9.03 -4.92
C SER A 29 -12.44 9.33 -6.13
N TRP A 30 -12.38 8.40 -7.09
CA TRP A 30 -11.61 8.65 -8.31
C TRP A 30 -12.19 9.80 -9.11
N ASN A 31 -13.53 9.88 -9.20
CA ASN A 31 -14.15 10.99 -9.91
C ASN A 31 -13.85 12.32 -9.21
N TYR A 32 -13.88 12.32 -7.87
CA TYR A 32 -13.55 13.54 -7.13
C TYR A 32 -12.10 13.95 -7.37
N ASN A 33 -11.18 12.98 -7.37
CA ASN A 33 -9.77 13.30 -7.53
C ASN A 33 -9.46 13.78 -8.94
N THR A 34 -10.04 13.13 -9.95
CA THR A 34 -9.79 13.52 -11.34
C THR A 34 -10.56 14.78 -11.72
N ASN A 35 -11.76 14.94 -11.18
CA ASN A 35 -12.64 16.06 -11.52
C ASN A 35 -13.13 16.69 -10.23
N ILE A 36 -12.61 17.87 -9.91
CA ILE A 36 -12.87 18.52 -8.62
C ILE A 36 -14.11 19.38 -8.77
N THR A 37 -15.26 18.85 -8.36
CA THR A 37 -16.50 19.59 -8.31
C THR A 37 -17.20 19.29 -6.99
N GLU A 38 -18.09 20.19 -6.57
CA GLU A 38 -18.79 20.01 -5.31
C GLU A 38 -19.70 18.78 -5.35
N GLU A 39 -20.35 18.55 -6.48
CA GLU A 39 -21.20 17.37 -6.62
C GLU A 39 -20.39 16.08 -6.45
N ASN A 40 -19.18 16.06 -7.02
CA ASN A 40 -18.29 14.91 -6.84
C ASN A 40 -17.92 14.74 -5.38
N VAL A 41 -17.69 15.85 -4.67
CA VAL A 41 -17.37 15.78 -3.25
C VAL A 41 -18.53 15.15 -2.48
N GLN A 42 -19.75 15.59 -2.78
CA GLN A 42 -20.92 15.05 -2.10
C GLN A 42 -21.10 13.57 -2.39
N ASN A 43 -20.90 13.18 -3.67
CA ASN A 43 -21.02 11.77 -4.03
C ASN A 43 -20.00 10.92 -3.31
N MET A 44 -18.75 11.39 -3.24
CA MET A 44 -17.70 10.66 -2.54
C MET A 44 -18.04 10.53 -1.06
N ASN A 45 -18.51 11.61 -0.43
CA ASN A 45 -18.87 11.55 0.97
C ASN A 45 -20.00 10.58 1.22
N ASN A 46 -21.03 10.59 0.36
CA ASN A 46 -22.15 9.67 0.52
C ASN A 46 -21.70 8.22 0.38
N ALA A 47 -20.88 7.94 -0.63
CA ALA A 47 -20.40 6.57 -0.83
C ALA A 47 -19.55 6.11 0.34
N GLY A 48 -18.67 6.99 0.84
CA GLY A 48 -17.86 6.63 1.99
C GLY A 48 -18.69 6.37 3.24
N ASP A 49 -19.71 7.21 3.46
CA ASP A 49 -20.58 7.01 4.63
C ASP A 49 -21.34 5.70 4.52
N LYS A 50 -21.84 5.37 3.33
CA LYS A 50 -22.55 4.12 3.14
C LYS A 50 -21.63 2.92 3.39
N TRP A 51 -20.40 2.99 2.87
CA TRP A 51 -19.45 1.90 3.07
C TRP A 51 -19.08 1.76 4.55
N SER A 52 -18.90 2.89 5.24
CA SER A 52 -18.57 2.83 6.67
C SER A 52 -19.72 2.24 7.48
N ALA A 53 -20.96 2.61 7.14
CA ALA A 53 -22.12 2.03 7.82
C ALA A 53 -22.20 0.53 7.58
N PHE A 54 -21.96 0.11 6.34
CA PHE A 54 -21.94 -1.33 6.04
C PHE A 54 -20.86 -2.04 6.84
N LEU A 55 -19.67 -1.44 6.93
CA LEU A 55 -18.58 -2.06 7.67
C LEU A 55 -18.92 -2.19 9.15
N LYS A 56 -19.48 -1.15 9.75
CA LYS A 56 -19.80 -1.22 11.18
C LYS A 56 -20.92 -2.24 11.45
N GLU A 57 -21.92 -2.30 10.57
CA GLU A 57 -22.98 -3.29 10.75
C GLU A 57 -22.44 -4.71 10.58
N GLN A 58 -21.53 -4.91 9.63
CA GLN A 58 -20.93 -6.23 9.45
C GLN A 58 -20.06 -6.62 10.63
N SER A 59 -19.34 -5.65 11.20
CA SER A 59 -18.56 -5.94 12.40
C SER A 59 -19.46 -6.34 13.57
N THR A 60 -20.57 -5.62 13.74
CA THR A 60 -21.51 -5.95 14.80
C THR A 60 -22.08 -7.35 14.59
N LEU A 61 -22.41 -7.70 13.35
CA LEU A 61 -22.90 -9.05 13.06
C LEU A 61 -21.83 -10.11 13.33
N ALA A 62 -20.59 -9.83 12.93
CA ALA A 62 -19.51 -10.81 13.06
C ALA A 62 -19.06 -10.99 14.50
N GLN A 63 -19.34 -10.02 15.37
CA GLN A 63 -18.95 -10.18 16.77
C GLN A 63 -19.68 -11.33 17.47
N MET A 64 -20.73 -11.87 16.87
CA MET A 64 -21.48 -12.97 17.46
C MET A 64 -20.88 -14.33 17.18
N TYR A 65 -19.78 -14.41 16.43
CA TYR A 65 -19.13 -15.69 16.15
C TYR A 65 -17.86 -15.81 16.98
N PRO A 66 -17.80 -16.69 17.97
CA PRO A 66 -16.60 -16.80 18.80
C PRO A 66 -15.45 -17.45 18.03
N LEU A 67 -14.23 -17.00 18.33
CA LEU A 67 -13.04 -17.54 17.69
C LEU A 67 -12.55 -18.84 18.32
N GLN A 68 -13.06 -19.21 19.49
CA GLN A 68 -12.60 -20.42 20.16
C GLN A 68 -12.96 -21.67 19.36
N GLU A 69 -14.14 -21.69 18.73
CA GLU A 69 -14.63 -22.86 18.00
C GLU A 69 -14.33 -22.76 16.51
N ILE A 70 -13.24 -22.11 16.13
CA ILE A 70 -12.83 -21.99 14.74
C ILE A 70 -11.49 -22.69 14.57
N GLN A 71 -11.41 -23.57 13.57
CA GLN A 71 -10.22 -24.37 13.35
C GLN A 71 -9.42 -23.97 12.12
N ASN A 72 -10.02 -23.23 11.19
CA ASN A 72 -9.36 -22.82 9.96
C ASN A 72 -8.66 -21.49 10.17
N LEU A 73 -7.42 -21.39 9.68
CA LEU A 73 -6.63 -20.18 9.89
C LEU A 73 -7.16 -19.01 9.09
N THR A 74 -7.57 -19.25 7.84
CA THR A 74 -8.06 -18.15 7.00
C THR A 74 -9.35 -17.56 7.54
N VAL A 75 -10.28 -18.42 7.94
CA VAL A 75 -11.54 -17.95 8.53
C VAL A 75 -11.27 -17.16 9.80
N LYS A 76 -10.36 -17.67 10.64
CA LYS A 76 -10.01 -16.97 11.86
C LYS A 76 -9.40 -15.60 11.58
N LEU A 77 -8.51 -15.52 10.57
CA LEU A 77 -7.89 -14.25 10.24
C LEU A 77 -8.93 -13.24 9.73
N GLN A 78 -9.84 -13.71 8.86
CA GLN A 78 -10.87 -12.80 8.34
C GLN A 78 -11.79 -12.32 9.46
N LEU A 79 -12.19 -13.23 10.36
CA LEU A 79 -13.06 -12.82 11.45
C LEU A 79 -12.34 -11.92 12.46
N GLN A 80 -11.03 -12.12 12.65
CA GLN A 80 -10.27 -11.20 13.48
C GLN A 80 -10.21 -9.81 12.85
N ALA A 81 -10.01 -9.76 11.54
CA ALA A 81 -9.96 -8.47 10.85
C ALA A 81 -11.30 -7.76 10.90
N LEU A 82 -12.41 -8.51 10.82
CA LEU A 82 -13.73 -7.91 10.74
C LEU A 82 -14.29 -7.55 12.11
N GLN A 83 -14.08 -8.43 13.10
CA GLN A 83 -14.65 -8.22 14.43
C GLN A 83 -14.06 -7.02 15.16
N GLN A 84 -12.87 -6.58 14.73
CA GLN A 84 -12.19 -5.47 15.38
C GLN A 84 -13.07 -4.23 15.41
N ASN A 85 -13.47 -3.81 16.62
CA ASN A 85 -14.37 -2.68 16.79
C ASN A 85 -13.66 -1.35 16.94
N GLY A 86 -12.48 -1.34 17.59
CA GLY A 86 -11.70 -0.13 17.72
C GLY A 86 -12.34 0.95 18.55
N SER A 87 -12.35 2.18 18.03
CA SER A 87 -12.80 3.33 18.79
C SER A 87 -14.27 3.25 19.20
N SER A 88 -15.05 2.36 18.58
CA SER A 88 -16.43 2.16 18.99
C SER A 88 -16.56 1.50 20.36
N VAL A 89 -15.47 0.98 20.91
CA VAL A 89 -15.55 0.35 22.23
C VAL A 89 -15.83 1.40 23.31
N LEU A 90 -15.44 2.64 23.08
CA LEU A 90 -15.66 3.71 24.04
C LEU A 90 -17.11 4.19 23.98
N SER A 91 -17.48 5.01 24.97
CA SER A 91 -18.81 5.57 25.01
C SER A 91 -18.97 6.62 23.91
N GLU A 92 -20.23 7.03 23.71
CA GLU A 92 -20.51 8.03 22.68
C GLU A 92 -19.85 9.36 23.00
N ASP A 93 -19.91 9.79 24.27
CA ASP A 93 -19.26 11.04 24.66
C ASP A 93 -17.75 10.95 24.49
N LYS A 94 -17.16 9.82 24.90
CA LYS A 94 -15.72 9.63 24.73
C LYS A 94 -15.33 9.63 23.26
N SER A 95 -16.13 8.97 22.41
CA SER A 95 -15.85 8.95 20.98
C SER A 95 -15.92 10.35 20.38
N LYS A 96 -16.95 11.12 20.77
CA LYS A 96 -17.06 12.49 20.27
C LYS A 96 -15.88 13.35 20.72
N ARG A 97 -15.47 13.21 21.98
CA ARG A 97 -14.34 13.98 22.47
C ARG A 97 -13.06 13.61 21.73
N LEU A 98 -12.83 12.31 21.51
CA LEU A 98 -11.63 11.88 20.81
C LEU A 98 -11.62 12.38 19.37
N ASN A 99 -12.77 12.28 18.68
CA ASN A 99 -12.85 12.76 17.30
C ASN A 99 -12.61 14.26 17.23
N THR A 100 -13.19 15.01 18.18
CA THR A 100 -12.98 16.46 18.22
C THR A 100 -11.51 16.79 18.44
N ILE A 101 -10.86 16.08 19.36
CA ILE A 101 -9.45 16.33 19.63
C ILE A 101 -8.60 16.04 18.40
N LEU A 102 -8.86 14.91 17.73
CA LEU A 102 -8.08 14.55 16.55
C LEU A 102 -8.27 15.58 15.44
N ASN A 103 -9.52 15.98 15.20
CA ASN A 103 -9.79 16.97 14.15
C ASN A 103 -9.15 18.31 14.49
N THR A 104 -9.21 18.72 15.76
CA THR A 104 -8.59 19.98 16.16
C THR A 104 -7.08 19.94 15.98
N MET A 105 -6.44 18.82 16.33
CA MET A 105 -5.01 18.70 16.14
C MET A 105 -4.64 18.76 14.66
N SER A 106 -5.40 18.06 13.81
CA SER A 106 -5.12 18.09 12.38
C SER A 106 -5.29 19.49 11.81
N THR A 107 -6.35 20.19 12.21
CA THR A 107 -6.58 21.54 11.72
C THR A 107 -5.50 22.51 12.22
N ILE A 108 -5.06 22.36 13.47
CA ILE A 108 -4.01 23.23 13.98
C ILE A 108 -2.71 22.98 13.23
N TYR A 109 -2.40 21.72 12.92
CA TYR A 109 -1.21 21.44 12.14
C TYR A 109 -1.31 22.05 10.74
N SER A 110 -2.44 21.87 10.07
CA SER A 110 -2.56 22.34 8.69
C SER A 110 -2.57 23.85 8.60
N THR A 111 -3.32 24.53 9.49
CA THR A 111 -3.49 25.97 9.37
C THR A 111 -2.37 26.74 10.05
N GLY A 112 -1.53 26.05 10.82
CA GLY A 112 -0.46 26.69 11.55
C GLY A 112 0.49 27.48 10.67
N LYS A 113 0.77 28.74 11.06
CA LYS A 113 1.67 29.59 10.29
C LYS A 113 2.29 30.60 11.26
N VAL A 114 3.62 30.64 11.30
CA VAL A 114 4.32 31.60 12.14
C VAL A 114 4.52 32.89 11.38
N CYS A 115 4.46 34.02 12.09
CA CYS A 115 4.55 35.33 11.48
C CYS A 115 5.52 36.19 12.28
N ASN A 116 6.49 36.79 11.58
CA ASN A 116 7.49 37.60 12.23
C ASN A 116 6.87 38.90 12.77
N PRO A 117 7.37 39.41 13.89
CA PRO A 117 6.80 40.63 14.47
C PRO A 117 6.97 41.86 13.60
N ASP A 118 7.91 41.84 12.65
CA ASP A 118 8.12 43.01 11.79
C ASP A 118 6.90 43.29 10.92
N ASN A 119 6.28 42.24 10.38
CA ASN A 119 5.11 42.38 9.51
C ASN A 119 4.16 41.23 9.77
N PRO A 120 3.33 41.33 10.82
CA PRO A 120 2.37 40.25 11.09
C PRO A 120 1.33 40.06 9.99
N GLN A 121 1.08 41.09 9.17
CA GLN A 121 0.04 40.99 8.15
C GLN A 121 0.39 39.96 7.08
N GLU A 122 1.64 39.93 6.65
CA GLU A 122 2.10 38.99 5.64
C GLU A 122 3.13 38.06 6.26
N CYS A 123 2.90 36.76 6.16
CA CYS A 123 3.77 35.78 6.79
C CYS A 123 3.62 34.43 6.09
N LEU A 124 4.55 33.53 6.39
CA LEU A 124 4.72 32.30 5.64
C LEU A 124 3.95 31.14 6.27
N LEU A 125 3.30 30.35 5.41
CA LEU A 125 2.67 29.11 5.82
C LEU A 125 3.74 28.03 5.97
N LEU A 126 3.30 26.79 6.26
CA LEU A 126 4.25 25.69 6.36
C LEU A 126 4.74 25.25 4.98
N GLU A 127 3.83 25.21 3.99
CA GLU A 127 4.16 24.75 2.64
C GLU A 127 3.76 25.82 1.64
N PRO A 128 4.71 26.34 0.83
CA PRO A 128 6.12 25.95 0.91
C PRO A 128 6.84 26.65 2.06
N GLY A 129 6.58 27.94 2.24
CA GLY A 129 6.90 28.66 3.46
C GLY A 129 8.23 28.33 4.13
N LEU A 130 8.13 27.83 5.37
CA LEU A 130 9.32 27.50 6.15
C LEU A 130 10.10 26.33 5.54
N ASN A 131 9.43 25.47 4.77
CA ASN A 131 10.12 24.33 4.18
C ASN A 131 11.16 24.81 3.16
N GLU A 132 10.83 25.83 2.37
CA GLU A 132 11.79 26.37 1.42
C GLU A 132 13.01 26.94 2.14
N ILE A 133 12.79 27.64 3.25
CA ILE A 133 13.90 28.18 4.03
C ILE A 133 14.76 27.04 4.58
N MET A 134 14.12 26.02 5.14
CA MET A 134 14.87 24.91 5.72
C MET A 134 15.58 24.07 4.69
N ALA A 135 15.12 24.09 3.43
CA ALA A 135 15.76 23.29 2.40
C ALA A 135 16.88 24.04 1.68
N ASN A 136 16.67 25.34 1.41
CA ASN A 136 17.58 26.07 0.54
C ASN A 136 18.45 27.10 1.25
N SER A 137 17.98 27.68 2.34
CA SER A 137 18.72 28.77 2.97
C SER A 137 19.98 28.26 3.66
N LEU A 138 21.03 29.08 3.62
CA LEU A 138 22.29 28.81 4.32
C LEU A 138 22.49 29.71 5.52
N ASP A 139 21.46 30.44 5.95
CA ASP A 139 21.58 31.40 7.04
C ASP A 139 21.26 30.72 8.36
N TYR A 140 22.24 30.74 9.28
CA TYR A 140 22.04 30.15 10.60
C TYR A 140 20.90 30.84 11.35
N ASN A 141 20.89 32.18 11.33
CA ASN A 141 19.89 32.93 12.08
C ASN A 141 18.49 32.71 11.54
N GLU A 142 18.33 32.73 10.21
CA GLU A 142 17.00 32.53 9.64
C GLU A 142 16.48 31.13 9.91
N ARG A 143 17.34 30.11 9.77
CA ARG A 143 16.92 28.74 10.06
C ARG A 143 16.54 28.58 11.52
N LEU A 144 17.34 29.14 12.43
CA LEU A 144 17.02 29.04 13.85
C LEU A 144 15.72 29.75 14.16
N TRP A 145 15.49 30.92 13.56
CA TRP A 145 14.24 31.65 13.77
C TRP A 145 13.05 30.83 13.32
N ALA A 146 13.13 30.25 12.11
CA ALA A 146 12.01 29.47 11.59
C ALA A 146 11.74 28.26 12.48
N TRP A 147 12.79 27.53 12.87
CA TRP A 147 12.65 26.37 13.73
C TRP A 147 12.00 26.75 15.06
N GLU A 148 12.55 27.76 15.73
CA GLU A 148 12.06 28.14 17.05
C GLU A 148 10.63 28.68 16.98
N SER A 149 10.31 29.46 15.95
CA SER A 149 8.95 30.00 15.82
C SER A 149 7.94 28.88 15.59
N TRP A 150 8.23 27.98 14.66
CA TRP A 150 7.30 26.89 14.40
C TRP A 150 7.09 26.05 15.66
N ARG A 151 8.18 25.78 16.40
CA ARG A 151 8.02 25.04 17.65
C ARG A 151 7.16 25.81 18.64
N SER A 152 7.51 27.08 18.90
CA SER A 152 6.86 27.85 19.97
C SER A 152 5.38 28.04 19.71
N GLU A 153 4.97 28.11 18.45
CA GLU A 153 3.54 28.14 18.17
C GLU A 153 2.91 26.75 18.18
N VAL A 154 3.37 25.83 17.32
CA VAL A 154 2.64 24.58 17.10
C VAL A 154 2.67 23.70 18.35
N GLY A 155 3.84 23.53 18.96
CA GLY A 155 3.93 22.66 20.13
C GLY A 155 3.15 23.20 21.31
N LYS A 156 3.23 24.51 21.56
CA LYS A 156 2.44 25.11 22.62
C LYS A 156 0.95 24.97 22.35
N GLN A 157 0.53 25.06 21.09
CA GLN A 157 -0.88 24.86 20.78
C GLN A 157 -1.32 23.42 21.01
N LEU A 158 -0.47 22.45 20.65
CA LEU A 158 -0.89 21.06 20.64
C LEU A 158 -0.53 20.29 21.92
N ARG A 159 0.15 20.92 22.88
CA ARG A 159 0.53 20.18 24.09
C ARG A 159 -0.67 19.62 24.87
N PRO A 160 -1.60 20.44 25.39
CA PRO A 160 -2.71 19.84 26.15
C PRO A 160 -3.61 18.95 25.31
N LEU A 161 -3.79 19.29 24.03
CA LEU A 161 -4.55 18.43 23.14
C LEU A 161 -3.88 17.07 22.99
N TYR A 162 -2.54 17.06 22.87
CA TYR A 162 -1.84 15.78 22.77
C TYR A 162 -1.94 15.00 24.08
N GLU A 163 -1.92 15.68 25.22
CA GLU A 163 -2.07 14.97 26.49
C GLU A 163 -3.44 14.29 26.60
N GLU A 164 -4.50 15.04 26.25
CA GLU A 164 -5.83 14.46 26.28
C GLU A 164 -5.96 13.33 25.26
N TYR A 165 -5.34 13.51 24.09
CA TYR A 165 -5.33 12.46 23.07
C TYR A 165 -4.67 11.19 23.61
N VAL A 166 -3.53 11.34 24.29
CA VAL A 166 -2.83 10.19 24.84
C VAL A 166 -3.71 9.47 25.85
N VAL A 167 -4.36 10.23 26.74
CA VAL A 167 -5.21 9.61 27.76
C VAL A 167 -6.36 8.86 27.11
N LEU A 168 -7.03 9.48 26.13
CA LEU A 168 -8.18 8.85 25.50
C LEU A 168 -7.78 7.62 24.70
N LYS A 169 -6.66 7.67 23.98
CA LYS A 169 -6.22 6.52 23.21
C LYS A 169 -5.79 5.38 24.12
N ASN A 170 -5.16 5.69 25.26
CA ASN A 170 -4.84 4.65 26.23
C ASN A 170 -6.10 4.00 26.77
N GLU A 171 -7.13 4.80 27.07
CA GLU A 171 -8.39 4.24 27.53
C GLU A 171 -9.00 3.32 26.47
N MET A 172 -9.00 3.76 25.21
CA MET A 172 -9.58 2.96 24.14
C MET A 172 -8.81 1.66 23.95
N ALA A 173 -7.47 1.72 24.00
CA ALA A 173 -6.66 0.51 23.84
C ALA A 173 -6.88 -0.45 25.00
N ARG A 174 -6.97 0.07 26.22
CA ARG A 174 -7.24 -0.80 27.37
C ARG A 174 -8.60 -1.46 27.25
N ALA A 175 -9.59 -0.71 26.75
CA ALA A 175 -10.93 -1.30 26.58
C ALA A 175 -10.93 -2.39 25.51
N ASN A 176 -9.93 -2.41 24.63
CA ASN A 176 -9.82 -3.40 23.58
C ASN A 176 -8.88 -4.55 23.94
N HIS A 177 -8.62 -4.76 25.24
CA HIS A 177 -7.77 -5.84 25.72
C HIS A 177 -6.33 -5.68 25.21
N TYR A 178 -5.77 -4.50 25.44
CA TYR A 178 -4.38 -4.20 25.11
C TYR A 178 -3.72 -3.51 26.30
N GLU A 179 -2.40 -3.63 26.36
CA GLU A 179 -1.66 -2.98 27.45
C GLU A 179 -1.70 -1.47 27.31
N ASP A 180 -1.52 -0.95 26.09
CA ASP A 180 -1.56 0.48 25.83
C ASP A 180 -1.75 0.68 24.33
N TYR A 181 -1.72 1.95 23.91
CA TYR A 181 -1.88 2.25 22.48
C TYR A 181 -0.65 1.84 21.68
N GLY A 182 0.54 1.94 22.27
CA GLY A 182 1.72 1.43 21.61
C GLY A 182 1.64 -0.06 21.34
N ASP A 183 1.05 -0.80 22.28
CA ASP A 183 0.80 -2.22 22.06
C ASP A 183 -0.19 -2.42 20.92
N TYR A 184 -1.20 -1.55 20.83
CA TYR A 184 -2.14 -1.62 19.71
C TYR A 184 -1.44 -1.43 18.38
N TRP A 185 -0.52 -0.46 18.30
CA TRP A 185 0.25 -0.29 17.07
C TRP A 185 1.16 -1.48 16.79
N ARG A 186 1.82 -2.01 17.81
CA ARG A 186 2.68 -3.16 17.57
C ARG A 186 1.90 -4.41 17.22
N GLY A 187 0.60 -4.44 17.49
CA GLY A 187 -0.23 -5.58 17.12
C GLY A 187 -0.35 -5.83 15.64
N ASP A 188 0.07 -4.90 14.80
CA ASP A 188 0.04 -5.11 13.35
C ASP A 188 1.07 -6.13 12.88
N TYR A 189 2.00 -6.52 13.75
CA TYR A 189 3.02 -7.51 13.41
C TYR A 189 2.85 -8.82 14.18
N GLU A 190 1.78 -8.96 14.95
CA GLU A 190 1.56 -10.18 15.73
C GLU A 190 1.26 -11.36 14.82
N VAL A 191 1.93 -12.48 15.08
CA VAL A 191 1.63 -13.74 14.42
C VAL A 191 1.40 -14.78 15.49
N ASN A 192 0.30 -15.52 15.38
CA ASN A 192 -0.04 -16.53 16.38
C ASN A 192 -0.80 -17.67 15.70
N GLY A 193 -0.78 -18.83 16.36
CA GLY A 193 -1.46 -20.00 15.87
C GLY A 193 -0.72 -20.78 14.80
N VAL A 194 0.50 -20.38 14.45
CA VAL A 194 1.28 -21.05 13.41
C VAL A 194 2.56 -21.56 14.05
N ASP A 195 2.83 -22.86 13.88
CA ASP A 195 4.03 -23.45 14.44
C ASP A 195 5.25 -22.99 13.68
N GLY A 196 6.28 -22.55 14.42
CA GLY A 196 7.53 -22.13 13.82
C GLY A 196 7.51 -20.75 13.20
N TYR A 197 6.40 -20.02 13.29
CA TYR A 197 6.30 -18.70 12.68
C TYR A 197 5.72 -17.65 13.62
N ASP A 198 5.45 -18.00 14.88
CA ASP A 198 4.81 -17.07 15.80
C ASP A 198 5.70 -15.84 16.02
N TYR A 199 5.06 -14.68 16.13
CA TYR A 199 5.75 -13.42 16.38
C TYR A 199 4.97 -12.65 17.43
N SER A 200 5.65 -12.29 18.52
CA SER A 200 5.01 -11.57 19.61
C SER A 200 5.19 -10.07 19.44
N ARG A 201 4.29 -9.31 20.07
CA ARG A 201 4.40 -7.85 20.04
C ARG A 201 5.63 -7.38 20.78
N GLY A 202 5.99 -8.05 21.88
CA GLY A 202 7.19 -7.68 22.61
C GLY A 202 8.46 -7.98 21.87
N GLN A 203 8.40 -8.88 20.88
CA GLN A 203 9.57 -9.20 20.08
C GLN A 203 9.93 -8.05 19.14
N LEU A 204 8.95 -7.23 18.76
CA LEU A 204 9.20 -6.16 17.80
C LEU A 204 10.20 -5.15 18.35
N ILE A 205 10.03 -4.76 19.62
CA ILE A 205 10.94 -3.78 20.22
C ILE A 205 12.35 -4.34 20.29
N GLU A 206 12.48 -5.60 20.70
CA GLU A 206 13.79 -6.24 20.79
C GLU A 206 14.47 -6.30 19.43
N ASP A 207 13.71 -6.69 18.40
CA ASP A 207 14.27 -6.78 17.05
C ASP A 207 14.71 -5.41 16.56
N VAL A 208 13.88 -4.39 16.76
CA VAL A 208 14.22 -3.04 16.31
C VAL A 208 15.49 -2.54 17.01
N GLU A 209 15.58 -2.75 18.33
CA GLU A 209 16.77 -2.33 19.05
C GLU A 209 18.01 -3.08 18.60
N HIS A 210 17.91 -4.39 18.36
CA HIS A 210 19.06 -5.15 17.90
CA HIS A 210 19.06 -5.15 17.90
C HIS A 210 19.54 -4.67 16.54
N THR A 211 18.61 -4.45 15.60
CA THR A 211 19.01 -3.97 14.28
C THR A 211 19.59 -2.57 14.35
N PHE A 212 19.05 -1.70 15.21
CA PHE A 212 19.62 -0.36 15.34
C PHE A 212 21.02 -0.42 15.92
N GLU A 213 21.24 -1.29 16.91
CA GLU A 213 22.58 -1.43 17.47
C GLU A 213 23.56 -1.95 16.42
N GLU A 214 23.10 -2.84 15.53
CA GLU A 214 23.96 -3.31 14.46
C GLU A 214 24.21 -2.22 13.42
N ILE A 215 23.24 -1.32 13.20
CA ILE A 215 23.38 -0.25 12.22
C ILE A 215 24.27 0.88 12.72
N LYS A 216 24.36 1.08 14.03
CA LYS A 216 24.94 2.30 14.59
C LYS A 216 26.29 2.73 14.04
N PRO A 217 27.29 1.86 13.83
CA PRO A 217 28.60 2.36 13.37
C PRO A 217 28.57 3.11 12.04
N LEU A 218 27.79 2.63 11.08
CA LEU A 218 27.69 3.32 9.80
C LEU A 218 27.08 4.70 9.98
N TYR A 219 26.04 4.80 10.81
CA TYR A 219 25.45 6.10 11.10
C TYR A 219 26.45 7.02 11.79
N GLU A 220 27.28 6.46 12.67
CA GLU A 220 28.28 7.28 13.35
C GLU A 220 29.29 7.85 12.36
N HIS A 221 29.76 7.03 11.43
CA HIS A 221 30.70 7.52 10.42
C HIS A 221 30.05 8.57 9.53
N LEU A 222 28.81 8.33 9.11
CA LEU A 222 28.11 9.32 8.28
C LEU A 222 27.89 10.62 9.04
N HIS A 223 27.56 10.52 10.33
CA HIS A 223 27.37 11.70 11.17
C HIS A 223 28.66 12.49 11.29
N ALA A 224 29.79 11.79 11.48
CA ALA A 224 31.07 12.49 11.56
C ALA A 224 31.41 13.20 10.26
N TYR A 225 31.18 12.54 9.12
CA TYR A 225 31.46 13.17 7.84
C TYR A 225 30.57 14.39 7.62
N VAL A 226 29.28 14.27 7.95
CA VAL A 226 28.36 15.39 7.79
C VAL A 226 28.74 16.54 8.70
N ARG A 227 29.18 16.22 9.93
CA ARG A 227 29.61 17.26 10.86
C ARG A 227 30.85 17.98 10.35
N ALA A 228 31.80 17.24 9.77
CA ALA A 228 32.98 17.88 9.21
C ALA A 228 32.61 18.82 8.07
N LYS A 229 31.76 18.36 7.15
CA LYS A 229 31.33 19.22 6.06
C LYS A 229 30.51 20.42 6.55
N LEU A 230 29.75 20.24 7.64
CA LEU A 230 28.97 21.34 8.19
C LEU A 230 29.87 22.38 8.85
N MET A 231 30.89 21.94 9.58
CA MET A 231 31.87 22.88 10.13
C MET A 231 32.60 23.61 9.01
N ASN A 232 32.83 22.93 7.90
CA ASN A 232 33.32 23.63 6.71
C ASN A 232 32.33 24.69 6.25
N ALA A 233 31.04 24.36 6.26
CA ALA A 233 30.02 25.34 5.87
C ALA A 233 29.81 26.38 6.96
N TYR A 234 29.69 25.95 8.22
CA TYR A 234 29.48 26.86 9.34
C TYR A 234 30.73 26.92 10.21
N PRO A 235 31.48 28.03 10.17
CA PRO A 235 32.79 28.06 10.83
C PRO A 235 32.74 28.00 12.35
N SER A 236 31.94 28.86 12.98
CA SER A 236 31.96 29.04 14.43
C SER A 236 30.61 28.74 15.07
N TYR A 237 29.97 27.64 14.66
CA TYR A 237 28.71 27.23 15.25
C TYR A 237 28.63 25.76 15.63
N ILE A 238 29.46 24.89 15.05
CA ILE A 238 29.35 23.45 15.25
C ILE A 238 30.68 22.95 15.82
N SER A 239 30.62 22.32 16.99
CA SER A 239 31.80 21.79 17.64
C SER A 239 32.23 20.48 16.99
N PRO A 240 33.55 20.22 16.90
CA PRO A 240 34.02 18.97 16.29
C PRO A 240 33.93 17.75 17.18
N ILE A 241 33.41 17.88 18.40
CA ILE A 241 33.31 16.75 19.32
C ILE A 241 31.89 16.63 19.83
N GLY A 242 31.00 17.49 19.32
CA GLY A 242 29.63 17.55 19.78
C GLY A 242 28.63 17.13 18.72
N CYS A 243 27.36 17.24 19.08
CA CYS A 243 26.26 16.89 18.20
C CYS A 243 25.99 18.01 17.20
N LEU A 244 25.06 17.74 16.28
CA LEU A 244 24.68 18.74 15.29
C LEU A 244 23.43 19.49 15.72
N PRO A 245 23.34 20.78 15.40
CA PRO A 245 22.12 21.53 15.70
C PRO A 245 20.94 20.98 14.89
N ALA A 246 19.75 21.12 15.47
CA ALA A 246 18.55 20.57 14.85
C ALA A 246 18.05 21.38 13.65
N HIS A 247 18.50 22.62 13.50
CA HIS A 247 18.02 23.49 12.43
C HIS A 247 18.98 23.56 11.25
N LEU A 248 19.98 22.68 11.18
CA LEU A 248 20.93 22.65 10.08
C LEU A 248 20.96 21.28 9.41
N LEU A 249 19.88 20.50 9.54
CA LEU A 249 19.84 19.13 9.06
C LEU A 249 19.25 18.99 7.66
N GLY A 250 18.93 20.10 7.01
CA GLY A 250 18.46 20.08 5.64
C GLY A 250 16.96 20.12 5.48
N ASP A 251 16.21 19.75 6.50
CA ASP A 251 14.75 19.83 6.46
C ASP A 251 14.26 20.30 7.82
N MET A 252 12.94 20.24 8.02
CA MET A 252 12.34 20.87 9.19
C MET A 252 12.60 20.07 10.47
N TRP A 253 12.46 18.76 10.42
CA TRP A 253 12.55 17.92 11.61
C TRP A 253 13.80 17.07 11.66
N GLY A 254 14.73 17.23 10.72
CA GLY A 254 15.87 16.35 10.67
C GLY A 254 15.54 14.94 10.24
N ARG A 255 14.36 14.73 9.64
CA ARG A 255 13.95 13.40 9.23
C ARG A 255 14.83 12.88 8.11
N PHE A 256 15.10 13.71 7.11
CA PHE A 256 15.93 13.34 5.98
C PHE A 256 17.11 14.30 5.86
N TRP A 257 18.21 13.78 5.32
CA TRP A 257 19.43 14.56 5.13
C TRP A 257 19.74 14.79 3.65
N THR A 258 18.75 14.64 2.78
CA THR A 258 18.99 14.77 1.34
C THR A 258 19.45 16.17 0.98
N ASN A 259 18.84 17.20 1.57
CA ASN A 259 19.16 18.58 1.24
C ASN A 259 20.57 18.97 1.63
N LEU A 260 21.26 18.16 2.44
CA LEU A 260 22.65 18.40 2.79
C LEU A 260 23.61 17.96 1.69
N TYR A 261 23.11 17.34 0.62
CA TYR A 261 23.98 16.79 -0.41
C TYR A 261 24.93 17.84 -0.96
N SER A 262 24.41 19.02 -1.32
CA SER A 262 25.25 20.07 -1.89
C SER A 262 26.36 20.47 -0.92
N LEU A 263 26.07 20.43 0.38
CA LEU A 263 27.10 20.75 1.36
C LEU A 263 28.09 19.62 1.56
N THR A 264 27.67 18.37 1.33
CA THR A 264 28.47 17.21 1.66
C THR A 264 28.85 16.38 0.43
N VAL A 265 28.77 16.97 -0.76
CA VAL A 265 29.10 16.20 -1.97
C VAL A 265 30.59 15.83 -1.95
N PRO A 266 30.95 14.58 -2.21
CA PRO A 266 32.36 14.20 -2.17
C PRO A 266 33.17 14.83 -3.29
N PHE A 267 32.67 14.71 -4.52
CA PHE A 267 33.33 15.22 -5.71
C PHE A 267 32.34 16.11 -6.46
N GLY A 268 32.40 17.42 -6.16
CA GLY A 268 31.47 18.34 -6.79
C GLY A 268 31.72 18.54 -8.27
N GLN A 269 32.94 18.29 -8.73
CA GLN A 269 33.23 18.39 -10.15
C GLN A 269 32.46 17.34 -10.95
N LYS A 270 32.41 16.11 -10.44
CA LYS A 270 31.66 15.06 -11.11
C LYS A 270 30.16 15.27 -10.90
N PRO A 271 29.36 15.24 -11.96
CA PRO A 271 27.92 15.42 -11.81
C PRO A 271 27.20 14.08 -11.63
N ASN A 272 25.93 14.18 -11.25
CA ASN A 272 25.10 13.00 -11.07
C ASN A 272 24.60 12.51 -12.43
N ILE A 273 24.06 11.29 -12.42
CA ILE A 273 23.53 10.67 -13.63
C ILE A 273 22.07 11.12 -13.77
N ASP A 274 21.86 12.19 -14.54
CA ASP A 274 20.54 12.71 -14.82
C ASP A 274 20.27 12.58 -16.31
N VAL A 275 19.16 11.93 -16.66
CA VAL A 275 18.84 11.63 -18.05
C VAL A 275 17.64 12.45 -18.53
N THR A 276 17.31 13.54 -17.85
CA THR A 276 16.20 14.39 -18.29
C THR A 276 16.45 14.96 -19.67
N ASP A 277 17.68 15.45 -19.91
CA ASP A 277 18.01 16.05 -21.19
C ASP A 277 17.93 15.03 -22.33
N ALA A 278 18.40 13.80 -22.07
CA ALA A 278 18.31 12.74 -23.07
C ALA A 278 16.87 12.38 -23.35
N MET A 279 16.02 12.38 -22.31
CA MET A 279 14.61 12.10 -22.48
C MET A 279 13.93 13.16 -23.33
N VAL A 280 14.28 14.44 -23.11
CA VAL A 280 13.72 15.52 -23.92
C VAL A 280 14.19 15.39 -25.36
N ASP A 281 15.48 15.08 -25.56
CA ASP A 281 16.03 15.00 -26.90
C ASP A 281 15.39 13.88 -27.71
N GLN A 282 15.04 12.79 -27.04
CA GLN A 282 14.45 11.64 -27.72
C GLN A 282 12.93 11.72 -27.86
N ALA A 283 12.32 12.82 -27.42
CA ALA A 283 10.88 13.03 -27.52
C ALA A 283 10.10 11.92 -26.79
N TRP A 284 10.30 11.86 -25.48
CA TRP A 284 9.64 10.90 -24.63
C TRP A 284 8.41 11.54 -23.98
N ASP A 285 7.31 10.79 -23.97
CA ASP A 285 6.06 11.24 -23.35
C ASP A 285 5.74 10.36 -22.15
N ALA A 286 4.67 10.73 -21.44
CA ALA A 286 4.25 9.96 -20.27
C ALA A 286 3.86 8.55 -20.67
N GLN A 287 3.14 8.41 -21.78
CA GLN A 287 2.79 7.08 -22.27
C GLN A 287 4.05 6.26 -22.58
N ARG A 288 5.06 6.91 -23.14
CA ARG A 288 6.32 6.21 -23.40
C ARG A 288 6.98 5.73 -22.12
N ILE A 289 6.98 6.58 -21.08
CA ILE A 289 7.59 6.20 -19.81
C ILE A 289 6.86 5.01 -19.21
N PHE A 290 5.53 5.04 -19.21
CA PHE A 290 4.78 3.94 -18.66
C PHE A 290 4.92 2.68 -19.49
N LYS A 291 5.08 2.82 -20.81
CA LYS A 291 5.32 1.65 -21.65
C LYS A 291 6.68 1.02 -21.36
N GLU A 292 7.70 1.85 -21.14
CA GLU A 292 9.01 1.29 -20.76
C GLU A 292 8.95 0.61 -19.39
N ALA A 293 8.21 1.18 -18.45
CA ALA A 293 8.04 0.53 -17.15
C ALA A 293 7.33 -0.81 -17.30
N GLU A 294 6.28 -0.86 -18.11
CA GLU A 294 5.58 -2.12 -18.36
C GLU A 294 6.50 -3.13 -19.05
N LYS A 295 7.34 -2.66 -19.97
CA LYS A 295 8.29 -3.56 -20.64
C LYS A 295 9.29 -4.13 -19.63
N PHE A 296 9.77 -3.30 -18.71
CA PHE A 296 10.68 -3.80 -17.67
C PHE A 296 10.00 -4.84 -16.80
N PHE A 297 8.76 -4.59 -16.39
CA PHE A 297 8.05 -5.55 -15.55
C PHE A 297 7.71 -6.82 -16.30
N VAL A 298 7.51 -6.74 -17.61
CA VAL A 298 7.32 -7.94 -18.42
C VAL A 298 8.62 -8.71 -18.52
N SER A 299 9.74 -8.02 -18.71
CA SER A 299 11.04 -8.67 -18.82
C SER A 299 11.40 -9.40 -17.54
N VAL A 300 11.12 -8.80 -16.39
CA VAL A 300 11.46 -9.47 -15.13
C VAL A 300 10.57 -10.69 -14.89
N GLY A 301 9.44 -10.79 -15.60
CA GLY A 301 8.58 -11.95 -15.53
C GLY A 301 7.13 -11.66 -15.19
N LEU A 302 6.85 -10.53 -14.55
CA LEU A 302 5.48 -10.22 -14.16
C LEU A 302 4.64 -9.88 -15.40
N PRO A 303 3.34 -10.13 -15.36
CA PRO A 303 2.50 -9.90 -16.54
C PRO A 303 2.34 -8.43 -16.87
N ASN A 304 1.82 -8.13 -18.05
CA ASN A 304 1.63 -6.76 -18.51
C ASN A 304 0.31 -6.21 -18.01
N MET A 305 0.19 -4.89 -18.10
CA MET A 305 -0.95 -4.20 -17.52
C MET A 305 -2.19 -4.38 -18.38
N THR A 306 -3.34 -4.43 -17.72
CA THR A 306 -4.61 -4.66 -18.41
C THR A 306 -4.93 -3.50 -19.35
N GLN A 307 -5.85 -3.76 -20.29
CA GLN A 307 -6.25 -2.73 -21.23
C GLN A 307 -6.96 -1.58 -20.53
N GLY A 308 -7.73 -1.89 -19.49
CA GLY A 308 -8.39 -0.83 -18.74
C GLY A 308 -7.43 0.11 -18.07
N PHE A 309 -6.22 -0.37 -17.77
CA PHE A 309 -5.19 0.51 -17.21
C PHE A 309 -4.81 1.60 -18.19
N TRP A 310 -4.67 1.26 -19.47
CA TRP A 310 -4.26 2.21 -20.50
C TRP A 310 -5.40 3.08 -20.98
N GLU A 311 -6.63 2.83 -20.54
CA GLU A 311 -7.79 3.58 -21.03
C GLU A 311 -8.49 4.40 -19.94
N ASN A 312 -8.29 4.07 -18.66
CA ASN A 312 -8.94 4.80 -17.58
C ASN A 312 -7.98 5.53 -16.65
N SER A 313 -6.68 5.51 -16.93
CA SER A 313 -5.70 6.12 -16.04
C SER A 313 -5.40 7.55 -16.47
N MET A 314 -5.09 8.40 -15.48
CA MET A 314 -4.70 9.78 -15.73
C MET A 314 -3.17 9.86 -15.67
N LEU A 315 -2.54 9.45 -16.77
CA LEU A 315 -1.08 9.47 -16.84
C LEU A 315 -0.52 10.86 -17.07
N THR A 316 -1.36 11.84 -17.46
CA THR A 316 -0.89 13.19 -17.70
C THR A 316 -1.69 14.19 -16.88
N ASP A 317 -1.45 15.49 -17.11
CA ASP A 317 -2.15 16.57 -16.43
C ASP A 317 -3.16 17.20 -17.37
N PRO A 318 -4.46 17.11 -17.10
CA PRO A 318 -5.45 17.70 -18.03
C PRO A 318 -5.29 19.20 -18.20
N GLY A 319 -4.88 19.91 -17.16
CA GLY A 319 -4.67 21.34 -17.23
C GLY A 319 -5.75 22.12 -16.52
N ASN A 320 -5.92 23.37 -16.95
CA ASN A 320 -6.92 24.26 -16.36
C ASN A 320 -8.32 23.85 -16.80
N VAL A 321 -8.41 22.95 -17.79
CA VAL A 321 -9.68 22.47 -18.30
C VAL A 321 -10.47 21.84 -17.16
N GLN A 322 -9.82 20.96 -16.39
CA GLN A 322 -10.42 20.37 -15.21
C GLN A 322 -9.36 20.26 -14.13
N LYS A 323 -9.71 20.64 -12.90
CA LYS A 323 -8.77 20.58 -11.79
C LYS A 323 -8.68 19.17 -11.24
N ALA A 324 -7.47 18.79 -10.85
CA ALA A 324 -7.22 17.46 -10.31
C ALA A 324 -5.90 17.47 -9.56
N VAL A 325 -5.97 17.11 -8.27
CA VAL A 325 -4.73 16.92 -7.51
C VAL A 325 -4.09 15.61 -7.94
N CYS A 326 -2.81 15.67 -8.28
CA CYS A 326 -2.12 14.53 -8.86
C CYS A 326 -0.92 14.07 -8.06
N HIS A 327 -1.04 13.93 -6.75
CA HIS A 327 -0.09 13.16 -5.97
C HIS A 327 -0.03 11.76 -6.57
N PRO A 328 1.15 11.21 -6.84
CA PRO A 328 1.22 9.96 -7.60
C PRO A 328 0.73 8.78 -6.77
N THR A 329 -0.37 8.17 -7.21
CA THR A 329 -1.04 7.17 -6.40
C THR A 329 -1.51 6.02 -7.28
N ALA A 330 -1.31 4.81 -6.79
CA ALA A 330 -1.82 3.61 -7.42
C ALA A 330 -3.17 3.24 -6.82
N TRP A 331 -4.16 3.04 -7.68
CA TRP A 331 -5.55 2.85 -7.26
C TRP A 331 -5.98 1.43 -7.60
N ASP A 332 -6.50 0.72 -6.60
CA ASP A 332 -7.13 -0.58 -6.77
C ASP A 332 -8.61 -0.44 -6.47
N LEU A 333 -9.40 -0.10 -7.48
CA LEU A 333 -10.81 0.21 -7.25
C LEU A 333 -11.62 -1.03 -6.95
N GLY A 334 -11.15 -2.19 -7.39
CA GLY A 334 -11.86 -3.43 -7.20
C GLY A 334 -12.45 -3.96 -8.49
N LYS A 335 -12.84 -5.24 -8.43
CA LYS A 335 -13.38 -5.95 -9.59
C LYS A 335 -12.40 -5.90 -10.76
N GLY A 336 -11.11 -6.09 -10.46
CA GLY A 336 -10.09 -6.08 -11.47
C GLY A 336 -9.89 -4.73 -12.14
N ASP A 337 -10.03 -3.64 -11.40
CA ASP A 337 -9.87 -2.29 -11.93
C ASP A 337 -8.68 -1.64 -11.23
N PHE A 338 -7.60 -1.44 -12.00
CA PHE A 338 -6.36 -0.87 -11.50
C PHE A 338 -6.00 0.37 -12.31
N ARG A 339 -5.56 1.42 -11.62
CA ARG A 339 -5.28 2.69 -12.27
C ARG A 339 -4.08 3.34 -11.59
N ILE A 340 -3.49 4.32 -12.27
CA ILE A 340 -2.43 5.14 -11.71
C ILE A 340 -2.76 6.59 -11.99
N LEU A 341 -2.70 7.44 -10.98
CA LEU A 341 -2.98 8.87 -11.12
C LEU A 341 -1.74 9.65 -10.73
N MET A 342 -1.17 10.37 -11.70
CA MET A 342 0.02 11.18 -11.46
C MET A 342 0.27 12.07 -12.67
N CYS A 343 0.70 13.31 -12.43
CA CYS A 343 1.16 14.19 -13.50
C CYS A 343 2.57 13.78 -13.90
N THR A 344 2.66 12.79 -14.78
CA THR A 344 3.96 12.33 -15.24
C THR A 344 4.56 13.35 -16.20
N LYS A 345 5.81 13.73 -15.95
CA LYS A 345 6.53 14.68 -16.77
C LYS A 345 7.81 14.03 -17.29
N VAL A 346 8.54 14.78 -18.11
CA VAL A 346 9.78 14.28 -18.69
C VAL A 346 10.90 14.52 -17.69
N THR A 347 11.12 13.56 -16.79
CA THR A 347 12.12 13.68 -15.74
C THR A 347 12.48 12.29 -15.26
N MET A 348 13.76 12.11 -14.89
CA MET A 348 14.19 10.83 -14.34
C MET A 348 13.43 10.49 -13.06
N ASP A 349 13.13 11.51 -12.24
CA ASP A 349 12.37 11.27 -11.02
C ASP A 349 10.98 10.73 -11.35
N ASP A 350 10.33 11.28 -12.39
CA ASP A 350 9.05 10.77 -12.81
C ASP A 350 9.18 9.35 -13.36
N PHE A 351 10.30 9.06 -14.02
CA PHE A 351 10.57 7.71 -14.52
C PHE A 351 10.60 6.69 -13.36
N LEU A 352 11.37 7.02 -12.32
CA LEU A 352 11.44 6.14 -11.15
C LEU A 352 10.12 6.04 -10.42
N THR A 353 9.39 7.17 -10.31
CA THR A 353 8.09 7.14 -9.64
C THR A 353 7.08 6.30 -10.42
N ALA A 354 7.16 6.35 -11.76
CA ALA A 354 6.30 5.52 -12.58
C ALA A 354 6.58 4.04 -12.34
N HIS A 355 7.87 3.68 -12.25
CA HIS A 355 8.21 2.29 -11.92
C HIS A 355 7.71 1.92 -10.52
N HIS A 356 7.78 2.85 -9.58
CA HIS A 356 7.35 2.59 -8.21
C HIS A 356 5.85 2.29 -8.16
N GLU A 357 5.04 3.16 -8.78
CA GLU A 357 3.59 2.94 -8.78
C GLU A 357 3.22 1.71 -9.62
N MET A 358 3.99 1.45 -10.68
CA MET A 358 3.76 0.25 -11.47
C MET A 358 3.98 -1.00 -10.64
N GLY A 359 5.02 -1.01 -9.79
CA GLY A 359 5.22 -2.11 -8.88
C GLY A 359 4.09 -2.26 -7.87
N HIS A 360 3.59 -1.13 -7.35
CA HIS A 360 2.40 -1.18 -6.49
C HIS A 360 1.24 -1.87 -7.19
N ILE A 361 0.96 -1.47 -8.44
CA ILE A 361 -0.18 -2.03 -9.16
C ILE A 361 0.04 -3.51 -9.45
N GLN A 362 1.29 -3.89 -9.75
CA GLN A 362 1.59 -5.30 -9.97
C GLN A 362 1.35 -6.12 -8.71
N TYR A 363 1.73 -5.59 -7.55
CA TYR A 363 1.51 -6.31 -6.30
C TYR A 363 0.01 -6.48 -6.03
N ASP A 364 -0.76 -5.40 -6.26
CA ASP A 364 -2.20 -5.48 -6.09
C ASP A 364 -2.82 -6.50 -7.04
N MET A 365 -2.38 -6.50 -8.30
CA MET A 365 -2.87 -7.49 -9.26
C MET A 365 -2.50 -8.90 -8.83
N ALA A 366 -1.34 -9.07 -8.21
CA ALA A 366 -0.91 -10.38 -7.75
C ALA A 366 -1.82 -10.91 -6.65
N TYR A 367 -2.13 -10.08 -5.65
CA TYR A 367 -2.95 -10.58 -4.55
C TYR A 367 -4.44 -10.36 -4.75
N ALA A 368 -4.87 -9.85 -5.91
CA ALA A 368 -6.29 -9.63 -6.14
C ALA A 368 -7.11 -10.91 -6.17
N ALA A 369 -6.46 -12.08 -6.26
CA ALA A 369 -7.17 -13.35 -6.34
C ALA A 369 -7.57 -13.90 -4.98
N GLN A 370 -7.24 -13.20 -3.90
CA GLN A 370 -7.53 -13.61 -2.54
C GLN A 370 -8.87 -13.04 -2.08
N PRO A 371 -9.45 -13.61 -1.02
CA PRO A 371 -10.72 -13.06 -0.51
C PRO A 371 -10.56 -11.62 -0.06
N PHE A 372 -11.65 -10.86 -0.14
CA PHE A 372 -11.69 -9.42 0.04
C PHE A 372 -10.85 -8.91 1.20
N LEU A 373 -11.07 -9.47 2.40
CA LEU A 373 -10.37 -8.98 3.58
C LEU A 373 -8.87 -9.23 3.47
N LEU A 374 -8.48 -10.38 2.94
CA LEU A 374 -7.06 -10.71 2.80
C LEU A 374 -6.50 -10.16 1.50
N ARG A 375 -6.59 -8.86 1.29
CA ARG A 375 -6.11 -8.21 0.07
C ARG A 375 -5.23 -7.01 0.44
N ASN A 376 -4.28 -7.24 1.33
CA ASN A 376 -3.28 -6.24 1.66
C ASN A 376 -1.92 -6.93 1.71
N GLY A 377 -0.88 -6.14 1.97
CA GLY A 377 0.42 -6.72 2.20
C GLY A 377 0.43 -7.56 3.47
N ALA A 378 1.35 -8.51 3.53
CA ALA A 378 1.42 -9.41 4.68
C ALA A 378 1.56 -8.63 5.98
N ASN A 379 2.36 -7.58 5.96
CA ASN A 379 2.38 -6.57 7.01
C ASN A 379 2.40 -5.19 6.37
N GLU A 380 2.47 -4.15 7.21
CA GLU A 380 2.30 -2.79 6.73
C GLU A 380 3.53 -2.27 5.98
N GLY A 381 4.62 -3.02 5.94
CA GLY A 381 5.83 -2.54 5.28
C GLY A 381 6.30 -3.35 4.10
N PHE A 382 5.39 -3.79 3.23
CA PHE A 382 5.74 -4.56 2.04
C PHE A 382 5.47 -3.83 0.74
N HIS A 383 4.36 -3.10 0.63
CA HIS A 383 4.07 -2.38 -0.60
C HIS A 383 5.18 -1.38 -0.93
N GLU A 384 5.55 -0.55 0.04
CA GLU A 384 6.56 0.46 -0.20
C GLU A 384 7.92 -0.19 -0.51
N ALA A 385 8.24 -1.30 0.16
CA ALA A 385 9.50 -1.99 -0.12
C ALA A 385 9.54 -2.51 -1.55
N VAL A 386 8.43 -3.07 -2.03
CA VAL A 386 8.35 -3.55 -3.41
C VAL A 386 8.53 -2.40 -4.39
N GLY A 387 7.83 -1.29 -4.14
CA GLY A 387 7.99 -0.12 -5.00
C GLY A 387 9.42 0.38 -5.02
N GLU A 388 10.07 0.43 -3.86
CA GLU A 388 11.44 0.96 -3.78
C GLU A 388 12.43 0.03 -4.47
N ILE A 389 12.22 -1.29 -4.38
CA ILE A 389 13.15 -2.18 -5.08
C ILE A 389 12.96 -2.06 -6.59
N MET A 390 11.73 -1.84 -7.05
CA MET A 390 11.53 -1.53 -8.47
C MET A 390 12.27 -0.25 -8.87
N SER A 391 12.19 0.78 -8.02
CA SER A 391 12.87 2.02 -8.32
C SER A 391 14.39 1.82 -8.37
N LEU A 392 14.94 1.03 -7.44
CA LEU A 392 16.37 0.76 -7.43
C LEU A 392 16.80 0.01 -8.69
N SER A 393 16.00 -0.99 -9.09
CA SER A 393 16.31 -1.73 -10.31
C SER A 393 16.27 -0.82 -11.53
N ALA A 394 15.30 0.10 -11.58
CA ALA A 394 15.17 0.97 -12.75
C ALA A 394 16.24 2.06 -12.76
N ALA A 395 16.79 2.42 -11.61
CA ALA A 395 17.71 3.54 -11.52
C ALA A 395 19.15 3.18 -11.88
N THR A 396 19.46 1.90 -12.04
CA THR A 396 20.84 1.51 -12.26
C THR A 396 21.30 1.97 -13.65
N PRO A 397 22.59 2.33 -13.81
CA PRO A 397 23.06 2.76 -15.13
C PRO A 397 22.95 1.69 -16.22
N LYS A 398 23.04 0.42 -15.84
CA LYS A 398 22.90 -0.66 -16.82
C LYS A 398 21.54 -0.62 -17.48
N HIS A 399 20.48 -0.43 -16.68
CA HIS A 399 19.13 -0.34 -17.23
C HIS A 399 18.99 0.90 -18.10
N LEU A 400 19.60 2.01 -17.68
CA LEU A 400 19.50 3.25 -18.45
C LEU A 400 20.15 3.10 -19.82
N LYS A 401 21.31 2.43 -19.89
CA LYS A 401 21.95 2.21 -21.17
C LYS A 401 21.17 1.19 -22.00
N SER A 402 20.63 0.15 -21.36
CA SER A 402 19.93 -0.90 -22.10
C SER A 402 18.68 -0.36 -22.79
N ILE A 403 17.92 0.50 -22.11
CA ILE A 403 16.69 1.04 -22.68
C ILE A 403 16.94 2.14 -23.70
N GLY A 404 18.19 2.52 -23.93
CA GLY A 404 18.51 3.56 -24.88
C GLY A 404 18.31 4.95 -24.31
N LEU A 405 18.88 5.19 -23.13
CA LEU A 405 18.76 6.49 -22.49
C LEU A 405 20.10 7.05 -22.01
N LEU A 406 21.17 6.25 -22.04
CA LEU A 406 22.51 6.71 -21.69
C LEU A 406 23.47 6.27 -22.77
N SER A 407 24.41 7.13 -23.11
CA SER A 407 25.34 6.84 -24.20
C SER A 407 26.19 5.62 -23.86
N PRO A 408 26.41 4.70 -24.80
CA PRO A 408 27.19 3.50 -24.49
C PRO A 408 28.61 3.79 -24.02
N ASP A 409 29.23 4.86 -24.52
CA ASP A 409 30.61 5.20 -24.12
C ASP A 409 30.70 5.78 -22.72
N PHE A 410 29.60 5.84 -21.96
CA PHE A 410 29.64 6.36 -20.60
C PHE A 410 30.54 5.49 -19.73
N GLN A 411 31.43 6.13 -18.98
CA GLN A 411 32.34 5.45 -18.08
C GLN A 411 31.80 5.53 -16.66
N GLU A 412 31.60 4.37 -16.03
CA GLU A 412 31.10 4.32 -14.66
C GLU A 412 32.27 4.49 -13.69
N ASP A 413 32.67 5.74 -13.54
CA ASP A 413 33.78 6.08 -12.65
C ASP A 413 33.36 5.84 -11.20
N ASN A 414 34.32 5.41 -10.39
CA ASN A 414 34.04 5.10 -8.99
C ASN A 414 33.69 6.34 -8.17
N GLU A 415 34.08 7.53 -8.62
CA GLU A 415 33.65 8.75 -7.96
C GLU A 415 32.14 8.92 -8.06
N THR A 416 31.56 8.61 -9.22
CA THR A 416 30.12 8.66 -9.38
C THR A 416 29.44 7.62 -8.49
N GLU A 417 30.05 6.44 -8.35
CA GLU A 417 29.52 5.42 -7.46
C GLU A 417 29.51 5.91 -6.02
N ILE A 418 30.58 6.56 -5.58
CA ILE A 418 30.64 7.11 -4.23
C ILE A 418 29.59 8.18 -4.03
N ASN A 419 29.42 9.05 -5.03
CA ASN A 419 28.41 10.10 -4.94
C ASN A 419 27.01 9.53 -4.83
N PHE A 420 26.71 8.52 -5.65
CA PHE A 420 25.40 7.87 -5.59
C PHE A 420 25.20 7.19 -4.24
N LEU A 421 26.23 6.51 -3.74
CA LEU A 421 26.11 5.84 -2.45
C LEU A 421 25.91 6.83 -1.32
N LEU A 422 26.57 7.98 -1.37
CA LEU A 422 26.38 8.97 -0.32
C LEU A 422 24.99 9.61 -0.39
N LYS A 423 24.48 9.84 -1.59
CA LYS A 423 23.11 10.33 -1.72
C LYS A 423 22.12 9.33 -1.16
N GLN A 424 22.30 8.04 -1.48
CA GLN A 424 21.45 7.00 -0.94
C GLN A 424 21.56 6.93 0.57
N ALA A 425 22.77 7.14 1.10
CA ALA A 425 22.97 7.15 2.55
C ALA A 425 22.21 8.29 3.20
N LEU A 426 22.36 9.50 2.67
CA LEU A 426 21.65 10.66 3.22
C LEU A 426 20.14 10.43 3.18
N THR A 427 19.65 9.77 2.13
CA THR A 427 18.22 9.48 2.04
C THR A 427 17.77 8.40 3.01
N ILE A 428 18.56 7.35 3.19
CA ILE A 428 18.07 6.13 3.84
C ILE A 428 18.61 6.00 5.26
N VAL A 429 19.94 6.04 5.41
CA VAL A 429 20.55 5.81 6.72
C VAL A 429 20.26 6.96 7.68
N GLY A 430 20.13 8.19 7.19
CA GLY A 430 19.93 9.33 8.06
C GLY A 430 18.55 9.42 8.68
N THR A 431 17.61 8.60 8.22
CA THR A 431 16.25 8.62 8.77
C THR A 431 15.97 7.48 9.73
N LEU A 432 16.75 6.41 9.70
CA LEU A 432 16.50 5.28 10.60
C LEU A 432 16.65 5.65 12.07
N PRO A 433 17.72 6.33 12.51
CA PRO A 433 17.77 6.73 13.93
C PRO A 433 16.61 7.62 14.33
N PHE A 434 16.18 8.53 13.45
CA PHE A 434 15.05 9.39 13.75
C PHE A 434 13.77 8.58 13.95
N THR A 435 13.53 7.63 13.05
CA THR A 435 12.34 6.78 13.16
C THR A 435 12.37 5.96 14.44
N TYR A 436 13.52 5.34 14.74
CA TYR A 436 13.64 4.54 15.95
C TYR A 436 13.41 5.38 17.20
N MET A 437 14.02 6.57 17.23
CA MET A 437 13.85 7.47 18.37
C MET A 437 12.40 7.87 18.56
N LEU A 438 11.73 8.27 17.47
CA LEU A 438 10.36 8.75 17.58
C LEU A 438 9.43 7.63 18.04
N GLU A 439 9.59 6.44 17.46
CA GLU A 439 8.74 5.32 17.85
C GLU A 439 8.99 4.90 19.29
N LYS A 440 10.25 4.88 19.72
CA LYS A 440 10.55 4.52 21.10
C LYS A 440 9.96 5.53 22.07
N TRP A 441 10.09 6.81 21.76
CA TRP A 441 9.52 7.84 22.63
C TRP A 441 8.00 7.71 22.72
N ARG A 442 7.34 7.53 21.58
CA ARG A 442 5.89 7.39 21.60
C ARG A 442 5.46 6.14 22.35
N TRP A 443 6.19 5.03 22.16
CA TRP A 443 5.83 3.79 22.82
C TRP A 443 5.93 3.91 24.33
N MET A 444 7.01 4.51 24.83
CA MET A 444 7.15 4.58 26.28
C MET A 444 6.31 5.71 26.87
N VAL A 445 5.94 6.70 26.05
CA VAL A 445 4.97 7.69 26.51
C VAL A 445 3.61 7.06 26.70
N PHE A 446 3.19 6.23 25.74
CA PHE A 446 1.93 5.50 25.87
C PHE A 446 1.99 4.53 27.04
N LYS A 447 3.13 3.86 27.22
CA LYS A 447 3.31 2.93 28.33
C LYS A 447 3.19 3.64 29.67
N GLY A 448 3.78 4.82 29.78
CA GLY A 448 3.77 5.60 31.02
C GLY A 448 5.14 5.79 31.65
N GLU A 449 6.20 5.30 31.01
CA GLU A 449 7.55 5.42 31.55
C GLU A 449 7.98 6.88 31.63
N ILE A 450 7.42 7.73 30.78
CA ILE A 450 7.72 9.16 30.78
C ILE A 450 6.55 9.91 31.37
N PRO A 451 6.68 10.50 32.55
CA PRO A 451 5.59 11.32 33.11
C PRO A 451 5.36 12.57 32.28
N LYS A 452 4.19 13.17 32.46
CA LYS A 452 3.81 14.34 31.67
C LYS A 452 4.78 15.50 31.83
N ASP A 453 5.49 15.56 32.96
CA ASP A 453 6.44 16.64 33.19
C ASP A 453 7.86 16.31 32.74
N GLN A 454 8.08 15.16 32.10
CA GLN A 454 9.39 14.81 31.57
C GLN A 454 9.36 14.51 30.07
N TRP A 455 8.32 14.93 29.36
CA TRP A 455 8.20 14.65 27.93
C TRP A 455 9.32 15.33 27.13
N MET A 456 9.50 16.64 27.32
CA MET A 456 10.49 17.36 26.54
C MET A 456 11.90 16.98 26.95
N LYS A 457 12.14 16.81 28.25
CA LYS A 457 13.47 16.45 28.73
C LYS A 457 13.90 15.10 28.15
N LYS A 458 13.02 14.10 28.24
CA LYS A 458 13.35 12.79 27.69
C LYS A 458 13.45 12.82 26.17
N TRP A 459 12.60 13.63 25.52
CA TRP A 459 12.68 13.77 24.06
C TRP A 459 14.06 14.28 23.63
N TRP A 460 14.54 15.32 24.31
CA TRP A 460 15.82 15.88 23.92
C TRP A 460 16.99 15.00 24.35
N GLU A 461 16.83 14.25 25.45
CA GLU A 461 17.84 13.25 25.79
C GLU A 461 17.95 12.18 24.72
N MET A 462 16.80 11.72 24.20
CA MET A 462 16.83 10.77 23.10
C MET A 462 17.47 11.38 21.86
N LYS A 463 17.18 12.65 21.58
CA LYS A 463 17.85 13.33 20.48
C LYS A 463 19.36 13.33 20.66
N ARG A 464 19.84 13.56 21.88
CA ARG A 464 21.27 13.66 22.13
C ARG A 464 21.98 12.31 22.14
N GLU A 465 21.39 11.28 22.74
CA GLU A 465 22.09 10.00 22.89
C GLU A 465 21.83 9.01 21.75
N ILE A 466 20.81 9.24 20.92
CA ILE A 466 20.48 8.29 19.86
C ILE A 466 20.73 8.90 18.49
N VAL A 467 20.11 10.05 18.24
CA VAL A 467 20.20 10.70 16.94
C VAL A 467 21.47 11.55 16.81
N GLY A 468 22.06 11.96 17.92
CA GLY A 468 23.22 12.84 17.87
C GLY A 468 22.89 14.23 17.39
N VAL A 469 21.74 14.76 17.80
CA VAL A 469 21.29 16.10 17.42
C VAL A 469 20.94 16.87 18.68
N VAL A 470 21.44 18.10 18.77
CA VAL A 470 21.26 18.96 19.94
C VAL A 470 20.32 20.10 19.57
N GLU A 471 19.49 20.49 20.54
CA GLU A 471 18.56 21.59 20.30
C GLU A 471 19.28 22.93 20.35
N PRO A 472 18.89 23.88 19.50
CA PRO A 472 19.55 25.20 19.52
C PRO A 472 19.03 26.13 20.60
N VAL A 473 17.81 25.94 21.07
CA VAL A 473 17.20 26.84 22.05
C VAL A 473 16.62 26.01 23.19
N PRO A 474 16.83 26.41 24.45
CA PRO A 474 16.27 25.64 25.57
C PRO A 474 14.74 25.57 25.48
N HIS A 475 14.20 24.41 25.86
CA HIS A 475 12.77 24.16 25.83
C HIS A 475 12.27 23.85 27.23
N ASP A 476 10.96 24.04 27.43
CA ASP A 476 10.34 23.79 28.72
C ASP A 476 9.16 22.84 28.58
N GLU A 477 8.38 22.67 29.64
CA GLU A 477 7.28 21.72 29.65
C GLU A 477 6.04 22.23 28.93
N THR A 478 6.03 23.49 28.48
CA THR A 478 4.94 24.03 27.69
C THR A 478 5.09 23.74 26.21
N TYR A 479 6.15 23.02 25.84
CA TYR A 479 6.45 22.68 24.44
C TYR A 479 6.09 21.23 24.18
N CYS A 480 5.66 20.96 22.93
CA CYS A 480 5.45 19.60 22.45
C CYS A 480 6.09 19.50 21.07
N ASP A 481 7.38 19.18 21.05
CA ASP A 481 8.12 19.10 19.79
C ASP A 481 7.63 17.98 18.88
N PRO A 482 7.38 16.75 19.35
CA PRO A 482 6.89 15.71 18.44
C PRO A 482 5.61 16.07 17.71
N ALA A 483 4.71 16.81 18.37
CA ALA A 483 3.44 17.16 17.74
C ALA A 483 3.63 18.01 16.50
N SER A 484 4.78 18.70 16.38
CA SER A 484 5.03 19.50 15.20
C SER A 484 5.11 18.64 13.94
N LEU A 485 5.47 17.36 14.08
CA LEU A 485 5.48 16.46 12.94
C LEU A 485 4.05 16.09 12.54
N PHE A 486 3.89 15.77 11.26
CA PHE A 486 2.58 15.43 10.70
C PHE A 486 2.05 14.11 11.27
N HIS A 487 2.88 13.07 11.27
CA HIS A 487 2.43 11.75 11.70
C HIS A 487 2.04 11.73 13.17
N VAL A 488 2.82 12.39 14.02
CA VAL A 488 2.57 12.35 15.46
C VAL A 488 1.24 13.04 15.78
N SER A 489 0.99 14.20 15.17
CA SER A 489 -0.23 14.94 15.45
C SER A 489 -1.42 14.46 14.62
N ASN A 490 -1.21 13.56 13.66
CA ASN A 490 -2.31 13.03 12.86
C ASN A 490 -2.55 11.55 13.13
N ASP A 491 -2.07 11.03 14.25
CA ASP A 491 -2.33 9.65 14.66
C ASP A 491 -1.85 8.64 13.62
N TYR A 492 -0.55 8.59 13.38
CA TYR A 492 0.01 7.69 12.38
C TYR A 492 1.18 6.92 12.98
N SER A 493 1.24 5.62 12.67
CA SER A 493 2.37 4.81 13.07
C SER A 493 3.61 5.18 12.26
N PHE A 494 4.78 4.87 12.83
CA PHE A 494 6.03 5.34 12.25
C PHE A 494 7.11 4.27 12.07
N ILE A 495 6.97 3.11 12.72
CA ILE A 495 7.96 2.05 12.57
C ILE A 495 7.86 1.38 11.19
N ARG A 496 6.79 1.70 10.45
CA ARG A 496 6.61 1.14 9.12
C ARG A 496 7.77 1.48 8.21
N TYR A 497 8.34 2.68 8.37
CA TYR A 497 9.44 3.09 7.51
C TYR A 497 10.71 2.32 7.81
N TYR A 498 11.00 2.11 9.10
CA TYR A 498 12.15 1.30 9.50
C TYR A 498 12.04 -0.12 8.96
N THR A 499 10.89 -0.76 9.22
CA THR A 499 10.71 -2.13 8.73
C THR A 499 10.73 -2.18 7.21
N ARG A 500 10.19 -1.14 6.56
CA ARG A 500 10.17 -1.09 5.10
C ARG A 500 11.58 -1.03 4.54
N THR A 501 12.45 -0.22 5.15
CA THR A 501 13.83 -0.14 4.68
C THR A 501 14.54 -1.48 4.82
N LEU A 502 14.36 -2.13 5.98
CA LEU A 502 15.00 -3.42 6.19
C LEU A 502 14.51 -4.45 5.17
N TYR A 503 13.19 -4.51 4.96
CA TYR A 503 12.61 -5.45 3.99
C TYR A 503 13.07 -5.13 2.58
N GLN A 504 13.15 -3.84 2.26
CA GLN A 504 13.66 -3.40 0.96
C GLN A 504 15.02 -4.00 0.67
N PHE A 505 15.96 -3.83 1.59
CA PHE A 505 17.31 -4.30 1.30
C PHE A 505 17.39 -5.82 1.31
N GLN A 506 16.63 -6.47 2.19
CA GLN A 506 16.60 -7.94 2.17
C GLN A 506 16.08 -8.47 0.83
N PHE A 507 14.96 -7.90 0.35
CA PHE A 507 14.40 -8.33 -0.92
C PHE A 507 15.38 -8.07 -2.07
N GLN A 508 16.04 -6.91 -2.05
CA GLN A 508 16.98 -6.58 -3.11
C GLN A 508 18.13 -7.58 -3.15
N GLU A 509 18.71 -7.90 -1.99
CA GLU A 509 19.80 -8.87 -1.97
C GLU A 509 19.32 -10.25 -2.43
N ALA A 510 18.12 -10.66 -1.99
CA ALA A 510 17.60 -11.97 -2.36
C ALA A 510 17.39 -12.07 -3.87
N LEU A 511 16.78 -11.05 -4.47
CA LEU A 511 16.53 -11.08 -5.90
C LEU A 511 17.82 -10.97 -6.70
N CYS A 512 18.81 -10.23 -6.19
CA CYS A 512 20.09 -10.16 -6.88
C CYS A 512 20.82 -11.50 -6.82
N GLN A 513 20.74 -12.21 -5.69
CA GLN A 513 21.31 -13.55 -5.63
C GLN A 513 20.57 -14.49 -6.59
N ALA A 514 19.25 -14.38 -6.66
CA ALA A 514 18.49 -15.21 -7.60
C ALA A 514 18.83 -14.85 -9.05
N ALA A 515 19.06 -13.56 -9.32
CA ALA A 515 19.34 -13.09 -10.68
C ALA A 515 20.75 -13.43 -11.15
N LYS A 516 21.58 -14.01 -10.28
CA LYS A 516 22.98 -14.35 -10.60
C LYS A 516 23.75 -13.09 -11.01
N HIS A 517 23.82 -12.16 -10.07
CA HIS A 517 24.56 -10.91 -10.26
C HIS A 517 25.85 -10.96 -9.46
N GLU A 518 26.96 -10.64 -10.13
CA GLU A 518 28.28 -10.68 -9.52
C GLU A 518 28.82 -9.26 -9.42
N GLY A 519 29.23 -8.87 -8.21
CA GLY A 519 29.76 -7.54 -7.99
C GLY A 519 29.09 -6.85 -6.82
N PRO A 520 29.12 -5.52 -6.81
CA PRO A 520 28.46 -4.78 -5.73
C PRO A 520 26.95 -4.91 -5.80
N LEU A 521 26.30 -4.77 -4.63
CA LEU A 521 24.85 -4.86 -4.59
C LEU A 521 24.19 -3.62 -5.16
N HIS A 522 24.88 -2.48 -5.11
CA HIS A 522 24.33 -1.22 -5.61
C HIS A 522 24.39 -1.10 -7.13
N LYS A 523 25.07 -2.04 -7.80
CA LYS A 523 25.14 -2.04 -9.27
C LYS A 523 24.29 -3.17 -9.85
N CYS A 524 23.25 -3.59 -9.13
CA CYS A 524 22.48 -4.77 -9.50
C CYS A 524 21.21 -4.40 -10.25
N ASP A 525 20.88 -5.21 -11.24
CA ASP A 525 19.67 -5.03 -12.04
C ASP A 525 18.99 -6.39 -12.19
N ILE A 526 17.73 -6.47 -11.80
CA ILE A 526 17.00 -7.74 -11.84
C ILE A 526 16.28 -7.87 -13.18
N SER A 527 16.61 -7.00 -14.13
CA SER A 527 16.02 -7.08 -15.46
C SER A 527 16.41 -8.37 -16.15
N ASN A 528 15.48 -8.91 -16.92
CA ASN A 528 15.66 -10.15 -17.68
C ASN A 528 15.97 -11.35 -16.79
N SER A 529 15.57 -11.30 -15.52
CA SER A 529 15.80 -12.37 -14.56
C SER A 529 14.43 -12.97 -14.20
N THR A 530 14.10 -14.10 -14.84
CA THR A 530 12.79 -14.69 -14.67
C THR A 530 12.66 -15.38 -13.32
N GLU A 531 13.77 -15.90 -12.78
CA GLU A 531 13.72 -16.57 -11.49
C GLU A 531 13.40 -15.59 -10.36
N ALA A 532 13.99 -14.39 -10.43
CA ALA A 532 13.66 -13.36 -9.45
C ALA A 532 12.20 -13.00 -9.54
N GLY A 533 11.66 -12.90 -10.76
CA GLY A 533 10.25 -12.66 -10.92
C GLY A 533 9.39 -13.76 -10.34
N GLN A 534 9.82 -15.02 -10.50
CA GLN A 534 9.08 -16.14 -9.92
C GLN A 534 9.03 -16.04 -8.41
N LYS A 535 10.18 -15.81 -7.78
CA LYS A 535 10.23 -15.69 -6.32
C LYS A 535 9.36 -14.53 -5.84
N LEU A 536 9.49 -13.39 -6.52
CA LEU A 536 8.71 -12.20 -6.17
C LEU A 536 7.22 -12.48 -6.26
N PHE A 537 6.78 -13.09 -7.36
CA PHE A 537 5.36 -13.36 -7.54
C PHE A 537 4.84 -14.38 -6.52
N ASN A 538 5.67 -15.38 -6.20
CA ASN A 538 5.28 -16.38 -5.20
C ASN A 538 5.05 -15.70 -3.86
N MET A 539 5.86 -14.69 -3.55
CA MET A 539 5.58 -13.92 -2.34
C MET A 539 4.37 -13.00 -2.47
N LEU A 540 4.18 -12.38 -3.64
CA LEU A 540 3.13 -11.39 -3.80
C LEU A 540 1.73 -12.00 -3.83
N ARG A 541 1.58 -13.23 -4.31
CA ARG A 541 0.25 -13.78 -4.49
C ARG A 541 -0.41 -14.21 -3.19
N LEU A 542 0.34 -14.23 -2.08
CA LEU A 542 -0.18 -14.65 -0.79
C LEU A 542 -1.07 -13.59 -0.15
N GLY A 543 -0.95 -12.33 -0.57
CA GLY A 543 -1.65 -11.25 0.12
C GLY A 543 -1.25 -11.17 1.57
N LYS A 544 -2.23 -11.16 2.47
CA LYS A 544 -1.97 -11.23 3.90
C LYS A 544 -2.58 -12.49 4.51
N SER A 545 -2.85 -13.49 3.66
CA SER A 545 -3.39 -14.75 4.15
C SER A 545 -2.38 -15.51 5.00
N GLU A 546 -1.11 -15.46 4.61
CA GLU A 546 -0.04 -16.12 5.35
C GLU A 546 0.70 -15.12 6.21
N PRO A 547 1.31 -15.56 7.32
CA PRO A 547 2.09 -14.65 8.15
C PRO A 547 3.24 -14.04 7.36
N TRP A 548 3.56 -12.79 7.69
CA TRP A 548 4.64 -12.09 6.99
C TRP A 548 5.98 -12.79 7.16
N THR A 549 6.14 -13.54 8.24
CA THR A 549 7.36 -14.34 8.42
C THR A 549 7.47 -15.40 7.34
N LEU A 550 6.35 -16.02 6.98
CA LEU A 550 6.36 -17.06 5.95
C LEU A 550 6.75 -16.47 4.60
N ALA A 551 6.21 -15.31 4.26
CA ALA A 551 6.58 -14.66 3.00
C ALA A 551 8.03 -14.21 3.01
N LEU A 552 8.51 -13.71 4.15
CA LEU A 552 9.90 -13.33 4.25
C LEU A 552 10.82 -14.52 4.05
N GLU A 553 10.45 -15.68 4.61
CA GLU A 553 11.23 -16.88 4.38
C GLU A 553 11.13 -17.33 2.92
N ASN A 554 9.98 -17.12 2.29
CA ASN A 554 9.83 -17.46 0.88
C ASN A 554 10.80 -16.66 0.02
N VAL A 555 10.96 -15.38 0.32
CA VAL A 555 11.86 -14.55 -0.49
C VAL A 555 13.31 -14.72 -0.08
N VAL A 556 13.66 -14.32 1.15
CA VAL A 556 15.07 -14.24 1.53
C VAL A 556 15.55 -15.46 2.30
N GLY A 557 14.66 -16.38 2.66
CA GLY A 557 15.05 -17.53 3.45
C GLY A 557 15.16 -17.30 4.93
N ALA A 558 14.87 -16.09 5.41
CA ALA A 558 14.93 -15.75 6.82
C ALA A 558 13.55 -15.35 7.32
N LYS A 559 13.22 -15.79 8.53
CA LYS A 559 11.91 -15.54 9.11
C LYS A 559 11.78 -14.15 9.72
N ASN A 560 12.89 -13.46 9.99
CA ASN A 560 12.86 -12.18 10.68
C ASN A 560 13.66 -11.15 9.90
N MET A 561 13.63 -9.92 10.40
CA MET A 561 14.35 -8.83 9.77
C MET A 561 15.86 -9.04 9.87
N ASN A 562 16.60 -8.35 9.01
CA ASN A 562 18.04 -8.43 9.01
C ASN A 562 18.60 -7.17 8.37
N VAL A 563 19.69 -6.67 8.93
CA VAL A 563 20.35 -5.48 8.40
C VAL A 563 21.64 -5.80 7.66
N ARG A 564 22.03 -7.06 7.57
CA ARG A 564 23.18 -7.44 6.75
C ARG A 564 23.05 -7.02 5.30
N PRO A 565 21.90 -7.19 4.63
CA PRO A 565 21.76 -6.62 3.28
C PRO A 565 21.95 -5.11 3.23
N LEU A 566 21.45 -4.39 4.24
CA LEU A 566 21.59 -2.94 4.27
C LEU A 566 23.05 -2.54 4.43
N LEU A 567 23.78 -3.25 5.29
CA LEU A 567 25.20 -2.98 5.47
C LEU A 567 26.02 -3.40 4.25
N ASN A 568 25.58 -4.43 3.53
CA ASN A 568 26.27 -4.87 2.32
C ASN A 568 26.05 -3.89 1.17
N TYR A 569 24.88 -3.24 1.14
CA TYR A 569 24.61 -2.26 0.10
C TYR A 569 25.53 -1.06 0.19
N PHE A 570 25.96 -0.70 1.40
CA PHE A 570 26.76 0.50 1.64
C PHE A 570 28.21 0.20 2.00
N GLU A 571 28.70 -1.00 1.68
CA GLU A 571 30.08 -1.36 2.04
C GLU A 571 31.13 -0.45 1.39
N PRO A 572 31.10 -0.17 0.06
CA PRO A 572 32.10 0.73 -0.51
C PRO A 572 32.08 2.11 0.16
N LEU A 573 30.88 2.61 0.41
CA LEU A 573 30.75 3.90 1.06
C LEU A 573 31.24 3.83 2.50
N PHE A 574 31.00 2.72 3.18
CA PHE A 574 31.48 2.57 4.55
C PHE A 574 32.99 2.60 4.60
N THR A 575 33.65 1.88 3.69
CA THR A 575 35.11 1.90 3.62
C THR A 575 35.63 3.30 3.28
N TRP A 576 34.98 3.97 2.34
CA TRP A 576 35.42 5.32 1.96
C TRP A 576 35.29 6.29 3.13
N LEU A 577 34.17 6.22 3.85
CA LEU A 577 33.95 7.08 5.01
C LEU A 577 34.96 6.79 6.10
N LYS A 578 35.27 5.51 6.32
CA LYS A 578 36.29 5.14 7.30
C LYS A 578 37.64 5.71 6.91
N ASP A 579 37.96 5.70 5.61
CA ASP A 579 39.20 6.29 5.13
C ASP A 579 39.22 7.80 5.38
N GLN A 580 38.10 8.48 5.12
CA GLN A 580 38.07 9.93 5.33
C GLN A 580 37.96 10.33 6.79
N ASN A 581 37.48 9.41 7.64
CA ASN A 581 37.31 9.69 9.06
C ASN A 581 38.51 9.25 9.89
N LYS A 582 39.67 9.08 9.28
CA LYS A 582 40.85 8.66 10.03
C LYS A 582 41.32 9.74 10.99
N ASN A 583 41.21 11.02 10.62
CA ASN A 583 41.69 12.13 11.42
C ASN A 583 40.56 12.90 12.08
N SER A 584 39.35 12.37 12.09
CA SER A 584 38.20 13.03 12.71
C SER A 584 37.64 12.15 13.82
N PHE A 585 37.09 12.80 14.84
CA PHE A 585 36.52 12.09 15.99
C PHE A 585 35.17 11.49 15.59
N VAL A 586 35.09 10.16 15.63
CA VAL A 586 33.86 9.46 15.28
C VAL A 586 33.03 9.29 16.55
N GLY A 587 31.90 9.99 16.61
CA GLY A 587 31.02 9.94 17.76
C GLY A 587 30.60 11.34 18.14
N TRP A 588 29.97 11.46 19.30
CA TRP A 588 29.53 12.76 19.79
C TRP A 588 29.49 12.74 21.31
N SER A 589 29.52 13.93 21.90
CA SER A 589 29.43 14.10 23.34
C SER A 589 28.08 14.72 23.67
N THR A 590 27.34 14.08 24.57
CA THR A 590 25.98 14.50 24.89
C THR A 590 26.00 15.46 26.09
N ASP A 591 26.88 16.45 26.00
CA ASP A 591 26.94 17.51 27.01
C ASP A 591 26.92 18.88 26.35
N TRP A 592 27.58 18.99 25.20
CA TRP A 592 27.72 20.27 24.53
C TRP A 592 26.38 20.74 23.97
N SER A 593 26.13 22.05 24.07
CA SER A 593 24.91 22.65 23.57
C SER A 593 25.27 23.98 22.93
N PRO A 594 24.46 24.45 21.97
CA PRO A 594 24.71 25.79 21.40
C PRO A 594 24.51 26.92 22.40
N TYR A 595 23.87 26.66 23.53
CA TYR A 595 23.57 27.69 24.52
C TYR A 595 24.27 27.46 25.85
N ALA A 596 24.90 26.29 26.06
CA ALA A 596 25.50 25.98 27.33
C ALA A 596 26.93 25.48 27.16
N ASP A 597 27.27 25.05 25.95
CA ASP A 597 28.57 24.47 25.55
C ASP A 597 29.54 24.12 26.68
N PHE B 20 -31.33 -20.49 -34.60
CA PHE B 20 -30.07 -19.94 -34.08
C PHE B 20 -30.05 -18.42 -34.24
N GLY B 21 -31.13 -17.87 -34.77
CA GLY B 21 -31.24 -16.43 -34.94
C GLY B 21 -31.37 -15.69 -33.62
N GLU B 22 -32.48 -15.91 -32.92
CA GLU B 22 -32.69 -15.23 -31.65
C GLU B 22 -31.85 -15.87 -30.54
N VAL B 23 -31.35 -17.08 -30.77
CA VAL B 23 -30.52 -17.77 -29.78
C VAL B 23 -29.26 -16.99 -29.53
N PHE B 24 -28.62 -16.50 -30.60
CA PHE B 24 -27.37 -15.76 -30.50
C PHE B 24 -27.56 -14.26 -30.68
N ASN B 25 -28.75 -13.80 -31.08
CA ASN B 25 -28.98 -12.38 -31.36
C ASN B 25 -30.29 -11.93 -30.71
N ALA B 26 -30.50 -12.32 -29.46
CA ALA B 26 -31.65 -11.88 -28.68
C ALA B 26 -31.40 -10.47 -28.15
N THR B 27 -32.50 -9.77 -27.86
CA THR B 27 -32.38 -8.43 -27.31
C THR B 27 -31.73 -8.45 -25.94
N ARG B 28 -32.15 -9.38 -25.08
CA ARG B 28 -31.57 -9.53 -23.75
C ARG B 28 -31.64 -10.99 -23.34
N PHE B 29 -30.63 -11.42 -22.59
CA PHE B 29 -30.56 -12.79 -22.10
C PHE B 29 -31.06 -12.88 -20.67
N ALA B 30 -31.29 -14.10 -20.20
CA ALA B 30 -31.83 -14.33 -18.87
C ALA B 30 -30.70 -14.55 -17.86
N SER B 31 -31.08 -14.56 -16.59
CA SER B 31 -30.13 -14.82 -15.52
C SER B 31 -29.65 -16.27 -15.57
N VAL B 32 -28.51 -16.51 -14.94
CA VAL B 32 -27.92 -17.85 -14.97
C VAL B 32 -28.78 -18.85 -14.19
N TYR B 33 -29.36 -18.41 -13.06
CA TYR B 33 -30.21 -19.32 -12.30
C TYR B 33 -31.50 -19.62 -13.03
N ALA B 34 -32.10 -18.61 -13.65
CA ALA B 34 -33.26 -18.79 -14.54
C ALA B 34 -32.82 -18.88 -15.99
N TRP B 35 -31.91 -19.81 -16.29
CA TRP B 35 -31.36 -19.90 -17.63
C TRP B 35 -32.42 -20.33 -18.63
N ASN B 36 -32.42 -19.68 -19.80
CA ASN B 36 -33.43 -19.96 -20.80
C ASN B 36 -33.09 -21.22 -21.59
N ARG B 37 -34.10 -22.06 -21.82
CA ARG B 37 -33.93 -23.30 -22.56
C ARG B 37 -34.87 -23.27 -23.76
N LYS B 38 -34.30 -23.40 -24.96
CA LYS B 38 -35.06 -23.38 -26.21
C LYS B 38 -34.82 -24.69 -26.95
N ARG B 39 -35.88 -25.25 -27.52
CA ARG B 39 -35.79 -26.47 -28.31
C ARG B 39 -35.69 -26.11 -29.78
N ILE B 40 -34.60 -26.53 -30.42
CA ILE B 40 -34.38 -26.28 -31.84
C ILE B 40 -33.99 -27.59 -32.52
N ASP B 46 -26.61 -25.95 -40.21
CA ASP B 46 -25.21 -25.87 -40.62
C ASP B 46 -24.36 -25.20 -39.54
N TYR B 47 -23.56 -26.00 -38.84
CA TYR B 47 -22.68 -25.49 -37.79
C TYR B 47 -21.31 -25.12 -38.34
N SER B 48 -21.29 -24.30 -39.40
CA SER B 48 -20.04 -23.85 -40.01
C SER B 48 -19.91 -22.34 -39.97
N VAL B 49 -20.94 -21.60 -40.39
CA VAL B 49 -20.89 -20.15 -40.32
C VAL B 49 -20.85 -19.68 -38.87
N LEU B 50 -21.45 -20.45 -37.96
CA LEU B 50 -21.39 -20.11 -36.55
C LEU B 50 -19.96 -20.18 -36.02
N TYR B 51 -19.22 -21.22 -36.41
CA TYR B 51 -17.84 -21.37 -35.96
C TYR B 51 -16.92 -20.34 -36.61
N ASN B 52 -17.20 -19.96 -37.86
CA ASN B 52 -16.39 -19.00 -38.60
C ASN B 52 -16.74 -17.56 -38.29
N SER B 53 -17.48 -17.30 -37.19
CA SER B 53 -17.78 -15.93 -36.82
C SER B 53 -16.53 -15.15 -36.45
N ALA B 54 -15.53 -15.83 -35.89
CA ALA B 54 -14.25 -15.22 -35.49
C ALA B 54 -14.47 -14.08 -34.50
N SER B 55 -15.49 -14.20 -33.65
CA SER B 55 -15.77 -13.19 -32.64
C SER B 55 -16.16 -13.78 -31.30
N PHE B 56 -16.08 -15.10 -31.11
CA PHE B 56 -16.46 -15.75 -29.88
C PHE B 56 -15.20 -16.06 -29.07
N SER B 57 -15.17 -15.57 -27.83
CA SER B 57 -13.99 -15.77 -26.98
C SER B 57 -13.84 -17.22 -26.52
N THR B 58 -14.92 -18.00 -26.52
CA THR B 58 -14.84 -19.40 -26.15
C THR B 58 -15.81 -20.19 -27.01
N PHE B 59 -15.31 -21.22 -27.69
CA PHE B 59 -16.11 -22.07 -28.57
C PHE B 59 -15.81 -23.53 -28.30
N LYS B 60 -15.86 -23.93 -27.02
CA LYS B 60 -15.33 -25.23 -26.64
C LYS B 60 -16.38 -26.32 -26.84
N CYS B 61 -16.08 -27.28 -27.70
CA CYS B 61 -16.98 -28.38 -28.00
C CYS B 61 -16.44 -29.65 -27.37
N TYR B 62 -17.32 -30.37 -26.66
CA TYR B 62 -16.96 -31.59 -25.96
C TYR B 62 -17.64 -32.78 -26.64
N GLY B 63 -16.84 -33.78 -26.99
CA GLY B 63 -17.37 -34.96 -27.64
C GLY B 63 -17.42 -34.87 -29.15
N VAL B 64 -18.20 -33.92 -29.66
CA VAL B 64 -18.39 -33.75 -31.10
C VAL B 64 -17.91 -32.36 -31.50
N SER B 65 -17.11 -32.30 -32.56
CA SER B 65 -16.62 -31.04 -33.08
C SER B 65 -17.71 -30.33 -33.87
N PRO B 66 -17.63 -29.00 -33.99
CA PRO B 66 -18.65 -28.27 -34.76
C PRO B 66 -18.68 -28.67 -36.23
N THR B 67 -17.54 -29.03 -36.81
CA THR B 67 -17.52 -29.41 -38.22
C THR B 67 -18.29 -30.70 -38.45
N LYS B 68 -18.18 -31.66 -37.53
CA LYS B 68 -18.86 -32.95 -37.65
C LYS B 68 -20.37 -32.78 -37.53
N ASN B 76 -33.63 -33.58 -31.43
CA ASN B 76 -33.80 -32.56 -30.40
C ASN B 76 -32.47 -31.91 -30.03
N VAL B 77 -32.42 -30.59 -30.14
CA VAL B 77 -31.26 -29.80 -29.75
C VAL B 77 -31.71 -28.79 -28.72
N TYR B 78 -30.99 -28.70 -27.60
CA TYR B 78 -31.30 -27.75 -26.55
C TYR B 78 -30.31 -26.59 -26.58
N ALA B 79 -30.83 -25.37 -26.60
CA ALA B 79 -30.01 -24.16 -26.54
C ALA B 79 -30.29 -23.52 -25.18
N ASP B 80 -29.28 -23.50 -24.33
CA ASP B 80 -29.39 -22.94 -22.99
C ASP B 80 -28.61 -21.63 -22.94
N SER B 81 -29.32 -20.53 -22.73
CA SER B 81 -28.74 -19.19 -22.79
C SER B 81 -28.80 -18.53 -21.43
N PHE B 82 -27.70 -17.86 -21.06
CA PHE B 82 -27.64 -17.09 -19.84
C PHE B 82 -26.46 -16.12 -19.91
N VAL B 83 -26.30 -15.34 -18.85
CA VAL B 83 -25.21 -14.39 -18.71
C VAL B 83 -24.51 -14.63 -17.39
N ILE B 84 -23.18 -14.72 -17.42
CA ILE B 84 -22.38 -14.93 -16.22
C ILE B 84 -21.22 -13.96 -16.23
N ARG B 85 -20.37 -14.06 -15.21
CA ARG B 85 -19.19 -13.23 -15.10
C ARG B 85 -18.06 -13.83 -15.95
N GLY B 86 -17.09 -12.98 -16.32
CA GLY B 86 -16.06 -13.40 -17.23
C GLY B 86 -15.21 -14.54 -16.70
N ASP B 87 -14.84 -14.49 -15.43
CA ASP B 87 -13.97 -15.51 -14.84
C ASP B 87 -14.70 -16.81 -14.51
N GLU B 88 -16.03 -16.84 -14.57
CA GLU B 88 -16.79 -18.03 -14.26
C GLU B 88 -17.10 -18.87 -15.49
N VAL B 89 -16.68 -18.43 -16.68
CA VAL B 89 -16.92 -19.19 -17.91
C VAL B 89 -16.26 -20.55 -17.82
N ARG B 90 -15.07 -20.62 -17.22
CA ARG B 90 -14.38 -21.89 -17.05
C ARG B 90 -15.13 -22.86 -16.16
N GLN B 91 -16.14 -22.38 -15.41
CA GLN B 91 -16.98 -23.24 -14.60
C GLN B 91 -18.11 -23.87 -15.41
N ILE B 92 -18.20 -23.55 -16.70
CA ILE B 92 -19.26 -24.07 -17.55
C ILE B 92 -18.78 -25.33 -18.31
N ALA B 93 -17.66 -25.91 -17.88
CA ALA B 93 -17.07 -27.12 -18.40
C ALA B 93 -17.42 -28.32 -17.52
N PRO B 94 -17.51 -29.52 -18.11
CA PRO B 94 -17.81 -30.70 -17.29
C PRO B 94 -16.72 -30.95 -16.26
N GLY B 95 -17.13 -31.44 -15.10
CA GLY B 95 -16.19 -31.69 -14.02
C GLY B 95 -15.53 -30.46 -13.46
N GLN B 96 -16.30 -29.40 -13.23
CA GLN B 96 -15.80 -28.15 -12.68
C GLN B 96 -16.57 -27.80 -11.41
N THR B 97 -15.84 -27.32 -10.41
CA THR B 97 -16.43 -26.89 -9.15
C THR B 97 -16.86 -25.43 -9.26
N GLY B 98 -17.20 -24.82 -8.14
CA GLY B 98 -17.58 -23.42 -8.12
C GLY B 98 -19.07 -23.24 -7.86
N LYS B 99 -19.42 -22.00 -7.48
CA LYS B 99 -20.80 -21.70 -7.15
C LYS B 99 -21.71 -21.84 -8.36
N ILE B 100 -21.24 -21.42 -9.54
CA ILE B 100 -22.07 -21.49 -10.74
C ILE B 100 -22.42 -22.94 -11.06
N ALA B 101 -21.43 -23.84 -10.97
CA ALA B 101 -21.68 -25.23 -11.26
C ALA B 101 -22.50 -25.90 -10.16
N ASP B 102 -22.20 -25.57 -8.90
CA ASP B 102 -22.86 -26.24 -7.78
C ASP B 102 -24.33 -25.85 -7.66
N TYR B 103 -24.62 -24.55 -7.73
CA TYR B 103 -25.94 -24.05 -7.38
C TYR B 103 -26.71 -23.43 -8.54
N ASN B 104 -26.07 -23.14 -9.67
CA ASN B 104 -26.72 -22.41 -10.75
C ASN B 104 -26.89 -23.23 -12.01
N TYR B 105 -25.83 -23.85 -12.51
CA TYR B 105 -25.92 -24.57 -13.79
C TYR B 105 -24.87 -25.68 -13.79
N LYS B 106 -25.32 -26.93 -13.70
CA LYS B 106 -24.44 -28.08 -13.64
C LYS B 106 -24.55 -28.89 -14.93
N LEU B 107 -23.40 -29.35 -15.43
CA LEU B 107 -23.35 -30.18 -16.62
C LEU B 107 -22.83 -31.57 -16.27
N PRO B 108 -23.34 -32.61 -16.92
CA PRO B 108 -22.83 -33.96 -16.66
C PRO B 108 -21.39 -34.12 -17.16
N ASP B 109 -20.68 -35.07 -16.55
CA ASP B 109 -19.32 -35.36 -16.98
C ASP B 109 -19.28 -35.98 -18.37
N ASP B 110 -20.39 -36.52 -18.85
CA ASP B 110 -20.49 -37.10 -20.19
C ASP B 110 -21.14 -36.13 -21.17
N PHE B 111 -20.86 -34.82 -21.02
CA PHE B 111 -21.46 -33.82 -21.88
C PHE B 111 -21.05 -34.04 -23.32
N THR B 112 -22.03 -33.95 -24.23
CA THR B 112 -21.84 -34.21 -25.66
C THR B 112 -22.38 -33.06 -26.49
N GLY B 113 -22.03 -31.84 -26.10
CA GLY B 113 -22.46 -30.66 -26.82
C GLY B 113 -21.36 -29.63 -27.00
N CYS B 114 -21.72 -28.35 -27.02
CA CYS B 114 -20.76 -27.27 -27.18
C CYS B 114 -21.14 -26.13 -26.25
N VAL B 115 -20.13 -25.38 -25.80
CA VAL B 115 -20.30 -24.21 -24.96
C VAL B 115 -19.68 -23.02 -25.69
N ILE B 116 -20.49 -21.98 -25.91
CA ILE B 116 -20.06 -20.78 -26.61
C ILE B 116 -20.23 -19.60 -25.66
N ALA B 117 -19.16 -18.85 -25.46
CA ALA B 117 -19.19 -17.70 -24.57
C ALA B 117 -18.51 -16.52 -25.26
N TRP B 118 -19.16 -15.36 -25.18
CA TRP B 118 -18.59 -14.16 -25.77
C TRP B 118 -18.88 -12.95 -24.88
N ASN B 119 -17.94 -12.00 -24.90
CA ASN B 119 -18.07 -10.80 -24.09
C ASN B 119 -19.20 -9.91 -24.60
N SER B 120 -19.96 -9.34 -23.67
CA SER B 120 -21.06 -8.44 -23.97
C SER B 120 -21.01 -7.21 -23.07
N ASN B 121 -19.82 -6.62 -22.95
CA ASN B 121 -19.64 -5.46 -22.09
C ASN B 121 -20.48 -4.28 -22.59
N ASN B 122 -20.52 -4.07 -23.90
CA ASN B 122 -21.29 -2.96 -24.44
C ASN B 122 -22.79 -3.16 -24.25
N LEU B 123 -23.26 -4.41 -24.33
CA LEU B 123 -24.69 -4.67 -24.27
C LEU B 123 -25.18 -4.74 -22.83
N ASP B 124 -24.51 -5.53 -21.99
CA ASP B 124 -25.04 -5.89 -20.68
C ASP B 124 -24.46 -5.07 -19.53
N SER B 125 -23.79 -3.96 -19.84
CA SER B 125 -23.24 -3.09 -18.81
C SER B 125 -23.64 -1.65 -19.09
N LYS B 126 -23.76 -0.86 -18.02
CA LYS B 126 -24.15 0.53 -18.14
C LYS B 126 -23.49 1.33 -17.03
N VAL B 127 -23.45 2.65 -17.22
CA VAL B 127 -22.85 3.53 -16.23
C VAL B 127 -23.67 3.44 -14.94
N GLY B 128 -22.97 3.26 -13.82
CA GLY B 128 -23.60 3.09 -12.53
C GLY B 128 -23.91 1.66 -12.15
N GLY B 129 -23.72 0.71 -13.05
CA GLY B 129 -23.94 -0.68 -12.75
C GLY B 129 -25.22 -1.22 -13.36
N ASN B 130 -25.23 -2.51 -13.66
CA ASN B 130 -26.38 -3.21 -14.20
C ASN B 130 -26.71 -4.37 -13.27
N TYR B 131 -27.77 -4.20 -12.47
CA TYR B 131 -28.11 -5.13 -11.41
C TYR B 131 -29.24 -6.09 -11.81
N ASN B 132 -29.49 -6.25 -13.10
CA ASN B 132 -30.60 -7.09 -13.54
C ASN B 132 -30.27 -8.57 -13.43
N TYR B 133 -29.03 -8.95 -13.73
CA TYR B 133 -28.65 -10.36 -13.73
C TYR B 133 -28.37 -10.85 -12.31
N LEU B 134 -28.89 -12.03 -12.00
CA LEU B 134 -28.83 -12.59 -10.65
C LEU B 134 -28.25 -14.00 -10.71
N TYR B 135 -27.87 -14.52 -9.55
CA TYR B 135 -27.37 -15.87 -9.43
C TYR B 135 -27.56 -16.35 -8.00
N ARG B 136 -27.77 -17.66 -7.86
CA ARG B 136 -27.97 -18.25 -6.54
C ARG B 136 -26.62 -18.49 -5.88
N LEU B 137 -26.48 -17.99 -4.66
CA LEU B 137 -25.22 -18.09 -3.92
C LEU B 137 -25.23 -19.17 -2.86
N PHE B 138 -26.38 -19.43 -2.23
CA PHE B 138 -26.48 -20.40 -1.14
C PHE B 138 -27.49 -21.49 -1.50
N ARG B 139 -27.14 -22.73 -1.17
CA ARG B 139 -28.08 -23.84 -1.28
C ARG B 139 -27.71 -24.91 -0.27
N LYS B 140 -28.68 -25.79 0.00
CA LYS B 140 -28.44 -26.94 0.87
C LYS B 140 -27.66 -28.04 0.16
N SER B 141 -27.88 -28.23 -1.14
CA SER B 141 -27.24 -29.30 -1.89
C SER B 141 -26.95 -28.81 -3.31
N ASN B 142 -26.14 -29.59 -4.02
CA ASN B 142 -25.74 -29.24 -5.37
C ASN B 142 -26.82 -29.60 -6.39
N LEU B 143 -26.86 -28.82 -7.47
CA LEU B 143 -27.78 -29.11 -8.56
C LEU B 143 -27.39 -30.39 -9.28
N LYS B 144 -28.39 -31.19 -9.63
CA LYS B 144 -28.19 -32.31 -10.54
C LYS B 144 -28.01 -31.77 -11.95
N PRO B 145 -27.42 -32.56 -12.86
CA PRO B 145 -27.21 -32.07 -14.23
C PRO B 145 -28.52 -31.65 -14.89
N PHE B 146 -28.45 -30.53 -15.60
CA PHE B 146 -29.59 -29.98 -16.34
C PHE B 146 -30.80 -29.74 -15.44
N GLU B 147 -30.55 -29.20 -14.25
CA GLU B 147 -31.61 -28.84 -13.32
C GLU B 147 -31.71 -27.33 -13.21
N ARG B 148 -32.94 -26.82 -13.14
CA ARG B 148 -33.22 -25.40 -13.01
C ARG B 148 -33.99 -25.15 -11.74
N ASP B 149 -33.51 -24.22 -10.92
CA ASP B 149 -34.14 -23.89 -9.64
C ASP B 149 -34.45 -22.40 -9.60
N ILE B 150 -35.69 -22.08 -9.22
CA ILE B 150 -36.15 -20.70 -9.20
C ILE B 150 -36.62 -20.26 -7.82
N SER B 151 -37.06 -21.18 -6.96
CA SER B 151 -37.62 -20.82 -5.66
C SER B 151 -36.62 -20.01 -4.85
N THR B 152 -37.10 -18.93 -4.23
CA THR B 152 -36.29 -18.00 -3.46
C THR B 152 -36.44 -18.21 -1.96
N GLU B 153 -36.55 -19.46 -1.52
CA GLU B 153 -36.72 -19.75 -0.10
C GLU B 153 -35.51 -19.27 0.69
N ILE B 154 -35.78 -18.64 1.84
CA ILE B 154 -34.72 -18.08 2.66
C ILE B 154 -33.80 -19.20 3.14
N TYR B 155 -32.50 -19.01 2.94
CA TYR B 155 -31.51 -19.98 3.39
C TYR B 155 -31.46 -20.02 4.90
N GLN B 156 -31.43 -21.22 5.46
CA GLN B 156 -31.42 -21.44 6.91
C GLN B 156 -30.05 -22.02 7.26
N ALA B 157 -29.08 -21.14 7.51
CA ALA B 157 -27.71 -21.58 7.78
C ALA B 157 -27.59 -22.17 9.18
N GLY B 158 -28.22 -21.55 10.17
CA GLY B 158 -28.13 -21.96 11.55
C GLY B 158 -29.15 -23.01 11.92
N ASN B 159 -29.44 -23.09 13.22
CA ASN B 159 -30.42 -24.03 13.74
C ASN B 159 -31.78 -23.42 14.01
N THR B 160 -31.82 -22.16 14.45
CA THR B 160 -33.10 -21.49 14.65
C THR B 160 -33.78 -21.26 13.31
N PRO B 161 -35.06 -21.58 13.17
CA PRO B 161 -35.75 -21.36 11.90
C PRO B 161 -35.77 -19.88 11.52
N CYS B 162 -35.67 -19.62 10.22
CA CYS B 162 -35.66 -18.25 9.74
C CYS B 162 -37.06 -17.63 9.79
N ASN B 163 -38.10 -18.44 9.62
CA ASN B 163 -39.49 -17.99 9.65
C ASN B 163 -39.77 -16.94 8.57
N GLY B 164 -39.04 -17.01 7.46
CA GLY B 164 -39.27 -16.11 6.34
C GLY B 164 -38.76 -14.70 6.53
N VAL B 165 -38.00 -14.43 7.59
CA VAL B 165 -37.48 -13.10 7.87
C VAL B 165 -35.96 -13.17 7.88
N GLU B 166 -35.33 -12.30 7.09
CA GLU B 166 -33.88 -12.25 7.04
C GLU B 166 -33.32 -11.78 8.39
N GLY B 167 -32.28 -12.46 8.85
CA GLY B 167 -31.67 -12.12 10.12
C GLY B 167 -30.38 -12.87 10.39
N PHE B 168 -30.12 -13.19 11.64
CA PHE B 168 -28.92 -13.93 12.00
C PHE B 168 -28.97 -15.33 11.41
N ASN B 169 -27.91 -15.70 10.68
CA ASN B 169 -27.81 -17.00 10.01
C ASN B 169 -28.94 -17.19 8.99
N CYS B 170 -29.51 -16.10 8.49
CA CYS B 170 -30.60 -16.15 7.53
C CYS B 170 -30.28 -15.19 6.38
N TYR B 171 -30.09 -15.74 5.18
CA TYR B 171 -29.65 -14.95 4.03
C TYR B 171 -30.53 -15.25 2.83
N PHE B 172 -30.83 -14.20 2.06
CA PHE B 172 -31.51 -14.39 0.79
C PHE B 172 -30.56 -15.07 -0.19
N PRO B 173 -30.96 -16.17 -0.84
CA PRO B 173 -30.01 -16.98 -1.61
C PRO B 173 -29.59 -16.35 -2.93
N LEU B 174 -30.25 -15.31 -3.41
CA LEU B 174 -29.98 -14.74 -4.72
C LEU B 174 -29.22 -13.43 -4.60
N GLN B 175 -28.14 -13.30 -5.36
CA GLN B 175 -27.32 -12.09 -5.38
CA GLN B 175 -27.32 -12.09 -5.38
C GLN B 175 -27.20 -11.58 -6.81
N SER B 176 -27.17 -10.25 -6.95
CA SER B 176 -27.13 -9.61 -8.26
C SER B 176 -25.70 -9.28 -8.68
N TYR B 177 -25.42 -9.47 -9.96
CA TYR B 177 -24.11 -9.11 -10.50
C TYR B 177 -23.98 -7.60 -10.62
N GLY B 178 -22.82 -7.08 -10.23
CA GLY B 178 -22.52 -5.67 -10.37
C GLY B 178 -21.76 -5.32 -11.63
N PHE B 179 -22.38 -5.51 -12.79
CA PHE B 179 -21.69 -5.30 -14.07
C PHE B 179 -21.53 -3.80 -14.33
N HIS B 180 -20.28 -3.38 -14.57
CA HIS B 180 -19.94 -2.01 -14.88
C HIS B 180 -19.07 -1.96 -16.13
N PRO B 181 -19.10 -0.86 -16.89
CA PRO B 181 -18.22 -0.75 -18.06
C PRO B 181 -16.74 -0.78 -17.71
N THR B 182 -16.37 -0.25 -16.54
CA THR B 182 -14.97 -0.13 -16.15
C THR B 182 -14.43 -1.35 -15.43
N ASN B 183 -15.23 -2.40 -15.27
CA ASN B 183 -14.76 -3.62 -14.64
C ASN B 183 -13.70 -4.30 -15.50
N GLY B 184 -12.92 -5.17 -14.86
CA GLY B 184 -11.89 -5.90 -15.56
C GLY B 184 -12.47 -6.95 -16.49
N VAL B 185 -11.57 -7.59 -17.24
CA VAL B 185 -12.00 -8.63 -18.18
C VAL B 185 -12.59 -9.81 -17.43
N GLY B 186 -12.03 -10.12 -16.25
CA GLY B 186 -12.57 -11.22 -15.45
C GLY B 186 -13.86 -10.89 -14.73
N TYR B 187 -14.29 -9.63 -14.74
CA TYR B 187 -15.54 -9.22 -14.13
C TYR B 187 -16.54 -8.68 -15.14
N GLN B 188 -16.23 -8.72 -16.44
CA GLN B 188 -17.13 -8.21 -17.45
C GLN B 188 -18.21 -9.23 -17.77
N PRO B 189 -19.40 -8.78 -18.17
CA PRO B 189 -20.48 -9.73 -18.51
C PRO B 189 -20.09 -10.58 -19.71
N TYR B 190 -20.52 -11.85 -19.65
CA TYR B 190 -20.27 -12.81 -20.72
C TYR B 190 -21.55 -13.57 -21.01
N ARG B 191 -21.98 -13.54 -22.27
CA ARG B 191 -23.13 -14.30 -22.71
C ARG B 191 -22.70 -15.72 -23.07
N VAL B 192 -23.40 -16.70 -22.52
CA VAL B 192 -23.06 -18.11 -22.70
C VAL B 192 -24.29 -18.84 -23.26
N VAL B 193 -24.07 -19.59 -24.33
CA VAL B 193 -25.08 -20.47 -24.92
C VAL B 193 -24.50 -21.88 -24.99
N VAL B 194 -25.27 -22.86 -24.53
CA VAL B 194 -24.86 -24.25 -24.49
C VAL B 194 -25.76 -25.04 -25.42
N LEU B 195 -25.15 -25.75 -26.36
CA LEU B 195 -25.87 -26.60 -27.31
C LEU B 195 -25.73 -28.05 -26.88
N SER B 196 -26.86 -28.66 -26.55
CA SER B 196 -26.91 -30.05 -26.11
C SER B 196 -27.64 -30.89 -27.15
N PHE B 197 -27.01 -31.97 -27.59
CA PHE B 197 -27.57 -32.84 -28.62
C PHE B 197 -28.11 -34.12 -28.01
C1 NAG C . 16.86 -8.16 -22.04
C2 NAG C . 17.98 -7.14 -22.20
C3 NAG C . 17.69 -6.22 -23.38
C4 NAG C . 17.43 -7.04 -24.65
C5 NAG C . 16.34 -8.07 -24.39
C6 NAG C . 16.13 -9.00 -25.56
C7 NAG C . 19.20 -6.49 -20.17
C8 NAG C . 19.22 -5.60 -18.96
N2 NAG C . 18.16 -6.36 -20.99
O3 NAG C . 18.79 -5.34 -23.60
O4 NAG C . 17.04 -6.19 -25.71
O5 NAG C . 16.70 -8.89 -23.27
O6 NAG C . 17.25 -9.84 -25.77
O7 NAG C . 20.11 -7.29 -20.41
C1 NAG D . -9.92 -23.41 5.11
C2 NAG D . -9.30 -24.79 4.90
C3 NAG D . -8.76 -24.93 3.48
C4 NAG D . -9.85 -24.60 2.47
C5 NAG D . -10.46 -23.23 2.76
C6 NAG D . -11.63 -22.89 1.88
C7 NAG D . -8.34 -25.92 6.87
C8 NAG D . -7.15 -26.03 7.77
N2 NAG D . -8.23 -25.03 5.87
O3 NAG D . -8.30 -26.25 3.28
O4 NAG D . -9.32 -24.61 1.16
O5 NAG D . -10.94 -23.18 4.12
O6 NAG D . -12.39 -21.81 2.40
O7 NAG D . -9.35 -26.58 7.04
C1 NAG E . -16.44 17.34 -14.46
C2 NAG E . -16.82 16.81 -15.85
C3 NAG E . -17.70 17.83 -16.57
C4 NAG E . -18.90 18.19 -15.71
C5 NAG E . -18.44 18.65 -14.32
C6 NAG E . -19.59 18.90 -13.38
C7 NAG E . -15.49 15.37 -17.33
C8 NAG E . -14.20 15.22 -18.08
N2 NAG E . -15.63 16.51 -16.63
O3 NAG E . -18.12 17.29 -17.81
O4 NAG E . -19.64 19.24 -16.33
O5 NAG E . -17.62 17.64 -13.72
O6 NAG E . -19.75 17.83 -12.45
O7 NAG E . -16.36 14.52 -17.36
#